data_5UNP
#
_entry.id   5UNP
#
_cell.length_a   141.252
_cell.length_b   141.252
_cell.length_c   124.370
_cell.angle_alpha   90.00
_cell.angle_beta   90.00
_cell.angle_gamma   90.00
#
_symmetry.space_group_name_H-M   'I 41'
#
loop_
_entity.id
_entity.type
_entity.pdbx_description
1 polymer 'Dual specificity protein kinase CLK2'
2 non-polymer N~2~-methyl-N~4~-[(pyrimidin-2-yl)methyl]-5-(quinolin-6-yl)-7H-pyrrolo[2,3-d]pyrimidine-2,4-diamine
3 water water
#
_entity_poly.entity_id   1
_entity_poly.type   'polypeptide(L)'
_entity_poly.pdbx_seq_one_letter_code
;GGSRSSSHSSRRAKSVEDDAEGHLIYHVGDWLQERYEIVSTLGEGTFGRVVQCVDHRRGGARVALKIIKNVEKYKEAARL
EINVLEKINEKDPDNKNLCVQMFDWFDYHGHMCISFELLGLSTFDFLKDNNYLPYPIHQVRHMAFQLCQAVKFLHDNKLT
HTDLKPENILFVNSDYELTYNLEKKRDERSVKSTAVRVVDFGSATFDHEHHSTIVSTRHYRAPEVILELGWSQPCDVWSI
GCIIFEYYVGFTLFQTHDNREHLAMMERILGPIPSRMIRKTRKQKYFYRGRLDWDENTSAGRYVRENCKPLRRYLTSEAE
EHHQLFDLIESMLEYEPAKRLTLGEALQHPFFARLRAEPPNKLWDSSRD
;
_entity_poly.pdbx_strand_id   A,B
#
loop_
_chem_comp.id
_chem_comp.type
_chem_comp.name
_chem_comp.formula
8FY non-polymer N~2~-methyl-N~4~-[(pyrimidin-2-yl)methyl]-5-(quinolin-6-yl)-7H-pyrrolo[2,3-d]pyrimidine-2,4-diamine 'C21 H18 N8'
#
# COMPACT_ATOMS: atom_id res chain seq x y z
N SER A 10 3.87 11.67 0.57
CA SER A 10 3.40 10.26 0.56
C SER A 10 4.05 9.40 -0.54
N ARG A 11 4.84 10.00 -1.44
CA ARG A 11 5.36 9.29 -2.62
C ARG A 11 6.74 8.67 -2.37
N ARG A 12 6.88 8.00 -1.23
CA ARG A 12 8.13 7.38 -0.77
C ARG A 12 8.31 6.00 -1.40
N ALA A 13 9.54 5.71 -1.84
CA ALA A 13 9.90 4.40 -2.37
C ALA A 13 9.90 3.38 -1.26
N LYS A 14 9.16 2.30 -1.49
CA LYS A 14 8.95 1.28 -0.49
C LYS A 14 9.97 0.17 -0.56
N SER A 15 10.73 0.12 -1.65
CA SER A 15 11.55 -1.04 -1.96
C SER A 15 12.45 -0.78 -3.16
N VAL A 16 13.42 -1.67 -3.39
CA VAL A 16 14.30 -1.59 -4.57
C VAL A 16 13.53 -1.89 -5.86
N GLU A 17 12.44 -2.64 -5.72
CA GLU A 17 11.53 -2.94 -6.84
C GLU A 17 10.63 -1.75 -7.14
N ASP A 18 10.56 -0.79 -6.22
CA ASP A 18 9.75 0.41 -6.35
C ASP A 18 10.53 1.56 -7.02
N ASP A 19 11.10 1.31 -8.20
CA ASP A 19 11.59 2.41 -9.04
C ASP A 19 10.36 3.11 -9.63
N ALA A 20 10.58 4.26 -10.26
CA ALA A 20 9.47 5.00 -10.86
C ALA A 20 8.98 4.31 -12.14
N GLU A 21 8.86 2.99 -12.07
CA GLU A 21 8.59 2.16 -13.24
C GLU A 21 7.28 2.55 -13.90
N GLY A 22 7.41 3.25 -15.02
CA GLY A 22 6.26 3.82 -15.72
C GLY A 22 5.77 5.08 -15.06
N HIS A 23 5.91 5.18 -13.73
CA HIS A 23 5.41 6.34 -12.97
C HIS A 23 5.88 7.64 -13.61
N LEU A 24 4.97 8.58 -13.79
CA LEU A 24 5.33 9.91 -14.27
C LEU A 24 6.13 10.68 -13.23
N ILE A 25 7.27 11.25 -13.62
CA ILE A 25 8.03 12.14 -12.72
C ILE A 25 7.36 13.51 -12.68
N TYR A 26 6.87 13.91 -11.50
CA TYR A 26 6.17 15.19 -11.33
C TYR A 26 6.23 15.71 -9.90
N HIS A 27 6.09 17.03 -9.75
CA HIS A 27 6.10 17.68 -8.44
C HIS A 27 4.94 18.66 -8.37
N VAL A 28 4.42 18.88 -7.17
CA VAL A 28 3.33 19.84 -6.98
C VAL A 28 3.77 21.16 -7.56
N GLY A 29 2.83 21.90 -8.12
CA GLY A 29 3.15 23.12 -8.84
C GLY A 29 3.33 22.97 -10.35
N ASP A 30 3.79 21.81 -10.82
CA ASP A 30 3.93 21.54 -12.27
C ASP A 30 2.67 21.90 -13.09
N TRP A 31 2.89 22.36 -14.33
CA TRP A 31 1.80 22.68 -15.26
C TRP A 31 1.77 21.67 -16.38
N LEU A 32 0.55 21.28 -16.74
CA LEU A 32 0.35 20.30 -17.78
C LEU A 32 -0.43 20.98 -18.87
N GLN A 33 0.11 20.94 -20.10
CA GLN A 33 -0.55 21.55 -21.25
C GLN A 33 -0.87 23.03 -21.03
N GLU A 34 0.03 23.73 -20.34
CA GLU A 34 -0.17 25.15 -20.01
C GLU A 34 -1.57 25.44 -19.46
N ARG A 35 -2.12 24.51 -18.69
CA ARG A 35 -3.51 24.62 -18.25
C ARG A 35 -3.78 24.10 -16.84
N TYR A 36 -3.25 22.92 -16.54
CA TYR A 36 -3.58 22.20 -15.33
C TYR A 36 -2.40 22.28 -14.41
N GLU A 37 -2.59 22.93 -13.26
CA GLU A 37 -1.53 23.06 -12.26
C GLU A 37 -1.81 22.06 -11.14
N ILE A 38 -0.84 21.18 -10.88
CA ILE A 38 -0.97 20.15 -9.87
C ILE A 38 -0.89 20.77 -8.47
N VAL A 39 -1.82 20.38 -7.61
CA VAL A 39 -1.93 20.93 -6.27
C VAL A 39 -1.60 19.88 -5.20
N SER A 40 -2.20 18.71 -5.30
CA SER A 40 -1.98 17.63 -4.37
C SER A 40 -2.11 16.28 -5.09
N THR A 41 -1.63 15.22 -4.45
CA THR A 41 -1.87 13.85 -4.91
C THR A 41 -3.05 13.31 -4.14
N LEU A 42 -4.14 13.00 -4.83
CA LEU A 42 -5.36 12.52 -4.18
C LEU A 42 -5.37 11.02 -3.92
N GLY A 43 -4.62 10.27 -4.72
CA GLY A 43 -4.58 8.82 -4.55
C GLY A 43 -3.60 8.12 -5.44
N GLU A 44 -3.48 6.81 -5.22
CA GLU A 44 -2.64 5.97 -6.03
C GLU A 44 -3.43 4.73 -6.41
N GLY A 45 -2.96 4.04 -7.45
CA GLY A 45 -3.55 2.77 -7.84
C GLY A 45 -2.60 1.91 -8.64
N THR A 46 -3.15 0.81 -9.14
CA THR A 46 -2.44 -0.06 -10.03
C THR A 46 -2.25 0.66 -11.36
N PHE A 47 -3.26 1.40 -11.76
CA PHE A 47 -3.26 2.13 -13.02
C PHE A 47 -2.28 3.30 -13.03
N GLY A 48 -1.99 3.85 -11.85
CA GLY A 48 -1.12 5.02 -11.76
C GLY A 48 -1.53 5.89 -10.58
N ARG A 49 -1.82 7.16 -10.85
CA ARG A 49 -2.12 8.13 -9.79
C ARG A 49 -3.29 9.05 -10.15
N VAL A 50 -3.96 9.56 -9.13
CA VAL A 50 -4.94 10.64 -9.33
C VAL A 50 -4.52 11.87 -8.54
N VAL A 51 -4.30 12.97 -9.26
CA VAL A 51 -3.87 14.24 -8.64
C VAL A 51 -4.95 15.29 -8.74
N GLN A 52 -4.92 16.23 -7.80
CA GLN A 52 -5.79 17.39 -7.83
C GLN A 52 -5.14 18.53 -8.61
N CYS A 53 -5.90 19.17 -9.48
CA CYS A 53 -5.37 20.23 -10.32
C CYS A 53 -6.27 21.43 -10.35
N VAL A 54 -5.68 22.56 -10.69
CA VAL A 54 -6.40 23.78 -10.96
C VAL A 54 -6.50 23.96 -12.47
N ASP A 55 -7.73 24.14 -12.95
CA ASP A 55 -7.96 24.37 -14.38
C ASP A 55 -7.90 25.86 -14.62
N HIS A 56 -6.73 26.31 -15.06
CA HIS A 56 -6.54 27.74 -15.32
C HIS A 56 -7.30 28.24 -16.52
N ARG A 57 -7.67 27.36 -17.44
CA ARG A 57 -8.53 27.77 -18.55
C ARG A 57 -10.00 27.79 -18.18
N ARG A 58 -10.38 27.47 -16.94
CA ARG A 58 -11.74 27.72 -16.52
C ARG A 58 -11.78 28.32 -15.13
N GLY A 59 -11.17 29.49 -15.04
CA GLY A 59 -11.23 30.34 -13.86
C GLY A 59 -10.93 29.64 -12.56
N GLY A 60 -9.88 28.82 -12.56
CA GLY A 60 -9.39 28.22 -11.33
C GLY A 60 -10.24 27.14 -10.68
N ALA A 61 -11.20 26.59 -11.42
CA ALA A 61 -11.94 25.44 -10.91
C ALA A 61 -10.99 24.27 -10.68
N ARG A 62 -11.32 23.46 -9.68
CA ARG A 62 -10.51 22.33 -9.27
C ARG A 62 -10.93 21.08 -10.03
N VAL A 63 -9.99 20.23 -10.41
CA VAL A 63 -10.35 18.96 -11.03
C VAL A 63 -9.47 17.85 -10.54
N ALA A 64 -9.88 16.63 -10.88
CA ALA A 64 -9.14 15.43 -10.55
C ALA A 64 -8.64 14.86 -11.84
N LEU A 65 -7.39 14.44 -11.85
CA LEU A 65 -6.71 14.07 -13.06
C LEU A 65 -6.05 12.71 -12.93
N LYS A 66 -6.68 11.71 -13.52
CA LYS A 66 -6.16 10.36 -13.54
C LYS A 66 -4.97 10.30 -14.48
N ILE A 67 -3.83 9.92 -13.96
CA ILE A 67 -2.61 9.88 -14.73
C ILE A 67 -2.19 8.43 -14.83
N ILE A 68 -2.14 7.91 -16.04
CA ILE A 68 -1.88 6.49 -16.25
C ILE A 68 -0.39 6.25 -16.43
N LYS A 69 0.10 5.18 -15.79
CA LYS A 69 1.47 4.72 -15.98
C LYS A 69 1.79 4.57 -17.45
N ASN A 70 3.06 4.35 -17.72
CA ASN A 70 3.53 3.99 -19.04
C ASN A 70 3.76 2.49 -19.04
N VAL A 71 2.67 1.73 -19.03
CA VAL A 71 2.71 0.27 -19.21
C VAL A 71 1.50 -0.15 -20.04
N GLU A 72 1.74 -0.98 -21.04
CA GLU A 72 0.75 -1.24 -22.09
C GLU A 72 -0.57 -1.78 -21.54
N LYS A 73 -0.49 -2.64 -20.52
CA LYS A 73 -1.68 -3.17 -19.86
C LYS A 73 -2.67 -2.08 -19.43
N TYR A 74 -2.16 -1.08 -18.72
CA TYR A 74 -3.01 -0.02 -18.15
C TYR A 74 -3.36 1.07 -19.16
N LYS A 75 -2.52 1.22 -20.18
CA LYS A 75 -2.81 2.13 -21.28
C LYS A 75 -4.09 1.70 -21.98
N GLU A 76 -4.21 0.40 -22.24
CA GLU A 76 -5.36 -0.12 -22.96
C GLU A 76 -6.61 -0.01 -22.12
N ALA A 77 -6.49 -0.28 -20.82
CA ALA A 77 -7.61 -0.14 -19.89
C ALA A 77 -8.15 1.29 -19.95
N ALA A 78 -7.23 2.24 -19.94
CA ALA A 78 -7.58 3.64 -20.00
C ALA A 78 -8.28 3.98 -21.31
N ARG A 79 -7.73 3.52 -22.42
CA ARG A 79 -8.34 3.79 -23.72
C ARG A 79 -9.81 3.42 -23.68
N LEU A 80 -10.07 2.21 -23.19
CA LEU A 80 -11.43 1.72 -23.01
C LEU A 80 -12.22 2.60 -22.06
N GLU A 81 -11.58 3.07 -20.98
CA GLU A 81 -12.25 3.95 -20.00
C GLU A 81 -12.71 5.25 -20.66
N ILE A 82 -11.82 5.83 -21.45
CA ILE A 82 -12.14 7.06 -22.14
C ILE A 82 -13.36 6.88 -23.02
N ASN A 83 -13.27 5.94 -23.96
CA ASN A 83 -14.32 5.81 -24.97
C ASN A 83 -15.68 5.45 -24.35
N VAL A 84 -15.68 4.76 -23.22
CA VAL A 84 -16.92 4.52 -22.48
C VAL A 84 -17.47 5.86 -22.01
N LEU A 85 -16.61 6.67 -21.39
CA LEU A 85 -17.04 7.97 -20.88
C LEU A 85 -17.48 8.91 -21.99
N GLU A 86 -16.82 8.84 -23.15
CA GLU A 86 -17.32 9.53 -24.34
C GLU A 86 -18.75 9.07 -24.60
N LYS A 87 -18.93 7.77 -24.85
CA LYS A 87 -20.26 7.22 -25.09
C LYS A 87 -21.25 7.67 -24.02
N ILE A 88 -20.82 7.76 -22.76
CA ILE A 88 -21.70 8.17 -21.66
C ILE A 88 -22.14 9.63 -21.75
N ASN A 89 -21.19 10.53 -22.05
CA ASN A 89 -21.53 11.97 -22.16
C ASN A 89 -22.40 12.25 -23.39
N GLU A 90 -22.30 11.39 -24.39
CA GLU A 90 -23.14 11.46 -25.58
C GLU A 90 -24.60 11.19 -25.22
N LYS A 91 -24.86 10.04 -24.60
CA LYS A 91 -26.23 9.64 -24.24
C LYS A 91 -26.85 10.49 -23.12
N ASP A 92 -26.03 11.29 -22.46
CA ASP A 92 -26.53 12.20 -21.42
C ASP A 92 -25.61 13.41 -21.36
N PRO A 93 -25.88 14.42 -22.21
CA PRO A 93 -25.09 15.65 -22.23
C PRO A 93 -25.46 16.60 -21.08
N ASP A 94 -26.51 16.27 -20.33
CA ASP A 94 -26.96 17.05 -19.17
C ASP A 94 -26.38 16.56 -17.82
N ASN A 95 -25.74 15.40 -17.81
CA ASN A 95 -24.96 14.90 -16.66
C ASN A 95 -25.74 14.75 -15.35
N LYS A 96 -26.95 14.21 -15.49
CA LYS A 96 -27.80 13.85 -14.36
C LYS A 96 -27.78 12.34 -14.10
N ASN A 97 -26.91 11.62 -14.80
CA ASN A 97 -26.87 10.14 -14.74
C ASN A 97 -26.37 9.58 -13.42
N LEU A 98 -25.54 10.36 -12.72
CA LEU A 98 -24.90 9.98 -11.44
C LEU A 98 -23.60 9.17 -11.57
N CYS A 99 -23.16 8.93 -12.80
CA CYS A 99 -21.78 8.52 -13.01
C CYS A 99 -20.93 9.78 -13.02
N VAL A 100 -19.63 9.62 -12.80
CA VAL A 100 -18.69 10.73 -12.80
C VAL A 100 -18.63 11.35 -14.20
N GLN A 101 -18.30 12.63 -14.25
CA GLN A 101 -18.24 13.35 -15.51
C GLN A 101 -16.81 13.49 -15.98
N MET A 102 -16.55 12.99 -17.20
CA MET A 102 -15.31 13.34 -17.85
C MET A 102 -15.41 14.73 -18.50
N PHE A 103 -14.28 15.43 -18.54
CA PHE A 103 -14.18 16.74 -19.19
C PHE A 103 -13.25 16.68 -20.38
N ASP A 104 -12.10 16.04 -20.21
CA ASP A 104 -11.00 16.19 -21.17
C ASP A 104 -10.11 14.96 -21.08
N TRP A 105 -9.20 14.82 -22.03
CA TRP A 105 -8.14 13.82 -21.91
C TRP A 105 -7.03 14.11 -22.90
N PHE A 106 -5.80 13.67 -22.57
CA PHE A 106 -4.65 14.00 -23.38
C PHE A 106 -3.39 13.23 -23.01
N ASP A 107 -2.41 13.25 -23.90
CA ASP A 107 -1.05 12.77 -23.64
C ASP A 107 -0.23 13.87 -22.97
N TYR A 108 0.66 13.49 -22.06
CA TYR A 108 1.63 14.40 -21.46
C TYR A 108 2.86 13.58 -21.11
N HIS A 109 4.03 13.94 -21.66
CA HIS A 109 5.30 13.22 -21.41
C HIS A 109 5.24 11.70 -21.71
N GLY A 110 4.25 11.25 -22.47
CA GLY A 110 4.03 9.81 -22.73
C GLY A 110 2.86 9.16 -21.98
N HIS A 111 2.36 9.83 -20.95
CA HIS A 111 1.37 9.25 -20.05
C HIS A 111 0.00 9.81 -20.36
N MET A 112 -1.02 8.96 -20.33
CA MET A 112 -2.37 9.42 -20.64
C MET A 112 -2.93 10.08 -19.41
N CYS A 113 -3.73 11.13 -19.61
CA CYS A 113 -4.36 11.85 -18.50
C CYS A 113 -5.83 12.06 -18.79
N ILE A 114 -6.65 12.04 -17.77
CA ILE A 114 -8.09 12.17 -17.93
C ILE A 114 -8.65 13.04 -16.82
N SER A 115 -9.59 13.90 -17.18
CA SER A 115 -9.99 15.00 -16.33
C SER A 115 -11.44 14.82 -15.91
N PHE A 116 -11.65 14.66 -14.60
CA PHE A 116 -12.97 14.42 -14.03
C PHE A 116 -13.28 15.52 -13.05
N GLU A 117 -14.57 15.73 -12.80
CA GLU A 117 -15.02 16.65 -11.74
C GLU A 117 -14.44 16.23 -10.39
N LEU A 118 -14.11 17.22 -9.55
CA LEU A 118 -13.53 16.92 -8.26
C LEU A 118 -14.63 16.49 -7.35
N LEU A 119 -14.42 15.34 -6.69
CA LEU A 119 -15.38 14.76 -5.75
C LEU A 119 -14.72 14.59 -4.38
N GLY A 120 -15.47 14.06 -3.41
CA GLY A 120 -14.93 13.81 -2.07
C GLY A 120 -14.23 12.46 -1.93
N LEU A 121 -14.15 12.01 -0.68
CA LEU A 121 -13.64 10.68 -0.36
C LEU A 121 -14.60 9.57 -0.80
N SER A 122 -14.05 8.38 -1.07
CA SER A 122 -14.88 7.20 -1.32
C SER A 122 -15.71 6.85 -0.09
N THR A 123 -16.88 6.26 -0.33
CA THR A 123 -17.70 5.72 0.74
C THR A 123 -16.88 4.76 1.61
N PHE A 124 -15.91 4.09 1.00
CA PHE A 124 -14.99 3.26 1.77
C PHE A 124 -14.17 4.10 2.72
N ASP A 125 -13.36 5.01 2.16
CA ASP A 125 -12.46 5.85 2.96
C ASP A 125 -13.16 6.50 4.14
N PHE A 126 -14.34 7.07 3.90
CA PHE A 126 -15.05 7.74 4.97
C PHE A 126 -15.32 6.77 6.09
N LEU A 127 -15.84 5.62 5.69
CA LEU A 127 -16.16 4.53 6.58
C LEU A 127 -14.90 4.08 7.33
N LYS A 128 -13.85 3.77 6.60
CA LYS A 128 -12.61 3.39 7.27
C LYS A 128 -12.14 4.45 8.26
N ASP A 129 -12.13 5.71 7.82
CA ASP A 129 -11.72 6.83 8.67
C ASP A 129 -12.67 7.10 9.85
N ASN A 130 -13.78 6.39 9.87
CA ASN A 130 -14.75 6.48 10.95
C ASN A 130 -14.76 5.18 11.79
N ASN A 131 -13.67 4.43 11.74
CA ASN A 131 -13.55 3.11 12.41
C ASN A 131 -14.67 2.13 12.06
N TYR A 132 -14.98 2.06 10.78
CA TYR A 132 -16.00 1.14 10.26
C TYR A 132 -17.37 1.27 10.94
N LEU A 133 -17.63 2.41 11.58
CA LEU A 133 -18.94 2.64 12.15
C LEU A 133 -19.95 2.72 11.00
N PRO A 134 -20.90 1.77 10.94
CA PRO A 134 -21.79 1.66 9.78
C PRO A 134 -22.59 2.92 9.48
N TYR A 135 -23.14 2.98 8.27
CA TYR A 135 -23.99 4.08 7.87
C TYR A 135 -25.39 3.86 8.43
N PRO A 136 -26.04 4.93 8.93
CA PRO A 136 -27.42 4.79 9.40
C PRO A 136 -28.35 4.55 8.23
N ILE A 137 -29.36 3.74 8.46
CA ILE A 137 -30.19 3.24 7.39
C ILE A 137 -30.71 4.30 6.39
N HIS A 138 -31.06 5.49 6.86
CA HIS A 138 -31.60 6.51 5.94
C HIS A 138 -30.54 6.87 4.87
N GLN A 139 -29.28 6.92 5.30
CA GLN A 139 -28.15 7.17 4.39
C GLN A 139 -27.86 5.96 3.51
N VAL A 140 -28.07 4.77 4.07
CA VAL A 140 -27.91 3.53 3.32
C VAL A 140 -28.93 3.51 2.19
N ARG A 141 -30.15 3.96 2.48
CA ARG A 141 -31.19 4.03 1.46
C ARG A 141 -30.80 5.00 0.34
N HIS A 142 -30.38 6.20 0.73
CA HIS A 142 -30.05 7.21 -0.26
C HIS A 142 -28.86 6.76 -1.14
N MET A 143 -27.80 6.29 -0.48
CA MET A 143 -26.63 5.80 -1.20
C MET A 143 -26.98 4.62 -2.11
N ALA A 144 -27.81 3.71 -1.60
CA ALA A 144 -28.22 2.56 -2.40
C ALA A 144 -29.03 2.97 -3.61
N PHE A 145 -29.88 3.97 -3.42
CA PHE A 145 -30.76 4.43 -4.47
C PHE A 145 -29.91 4.98 -5.63
N GLN A 146 -29.04 5.93 -5.31
CA GLN A 146 -28.22 6.58 -6.32
C GLN A 146 -27.33 5.57 -7.03
N LEU A 147 -26.87 4.60 -6.25
CA LEU A 147 -26.03 3.52 -6.77
C LEU A 147 -26.79 2.74 -7.83
N CYS A 148 -28.04 2.40 -7.54
CA CYS A 148 -28.87 1.66 -8.47
C CYS A 148 -29.25 2.49 -9.70
N GLN A 149 -29.57 3.77 -9.47
CA GLN A 149 -29.84 4.68 -10.59
C GLN A 149 -28.66 4.76 -11.53
N ALA A 150 -27.51 5.08 -10.96
CA ALA A 150 -26.28 5.20 -11.72
C ALA A 150 -25.99 3.99 -12.59
N VAL A 151 -26.24 2.80 -12.06
CA VAL A 151 -25.86 1.58 -12.77
C VAL A 151 -26.97 1.17 -13.75
N LYS A 152 -28.23 1.35 -13.37
CA LYS A 152 -29.34 1.11 -14.29
C LYS A 152 -29.02 1.80 -15.60
N PHE A 153 -28.59 3.05 -15.49
CA PHE A 153 -28.19 3.82 -16.64
C PHE A 153 -27.22 3.03 -17.53
N LEU A 154 -26.20 2.44 -16.91
CA LEU A 154 -25.19 1.69 -17.68
C LEU A 154 -25.79 0.45 -18.33
N HIS A 155 -26.73 -0.18 -17.63
CA HIS A 155 -27.36 -1.41 -18.09
C HIS A 155 -28.29 -1.11 -19.26
N ASP A 156 -29.07 -0.04 -19.12
CA ASP A 156 -29.90 0.47 -20.21
C ASP A 156 -29.12 0.67 -21.49
N ASN A 157 -27.85 1.06 -21.39
CA ASN A 157 -27.01 1.29 -22.56
C ASN A 157 -26.03 0.14 -22.84
N LYS A 158 -26.46 -1.08 -22.56
CA LYS A 158 -25.68 -2.30 -22.86
C LYS A 158 -24.27 -2.33 -22.22
N LEU A 159 -24.17 -1.82 -21.00
CA LEU A 159 -22.92 -1.80 -20.28
C LEU A 159 -23.02 -2.53 -18.97
N THR A 160 -21.91 -3.17 -18.61
CA THR A 160 -21.71 -3.68 -17.27
C THR A 160 -20.44 -3.03 -16.72
N HIS A 161 -20.52 -2.53 -15.50
CA HIS A 161 -19.36 -1.95 -14.80
C HIS A 161 -18.29 -3.02 -14.50
N THR A 162 -18.73 -4.09 -13.83
CA THR A 162 -17.93 -5.26 -13.42
C THR A 162 -17.14 -5.13 -12.12
N ASP A 163 -16.95 -3.92 -11.64
CA ASP A 163 -16.01 -3.69 -10.53
C ASP A 163 -16.51 -2.66 -9.55
N LEU A 164 -17.80 -2.75 -9.25
CA LEU A 164 -18.40 -1.91 -8.24
C LEU A 164 -17.88 -2.31 -6.88
N LYS A 165 -17.71 -1.30 -6.02
CA LYS A 165 -17.26 -1.48 -4.65
C LYS A 165 -17.24 -0.10 -4.02
N PRO A 166 -17.12 -0.01 -2.69
CA PRO A 166 -17.22 1.28 -2.02
C PRO A 166 -16.10 2.22 -2.41
N GLU A 167 -14.96 1.69 -2.85
CA GLU A 167 -13.85 2.52 -3.32
C GLU A 167 -14.22 3.26 -4.61
N ASN A 168 -15.13 2.69 -5.38
CA ASN A 168 -15.57 3.30 -6.63
C ASN A 168 -16.90 4.03 -6.52
N ILE A 169 -17.26 4.42 -5.31
CA ILE A 169 -18.44 5.24 -5.11
C ILE A 169 -18.00 6.40 -4.23
N LEU A 170 -17.89 7.57 -4.84
CA LEU A 170 -17.37 8.73 -4.13
C LEU A 170 -18.49 9.69 -3.75
N PHE A 171 -18.33 10.30 -2.59
CA PHE A 171 -19.22 11.34 -2.16
C PHE A 171 -18.99 12.57 -3.02
N VAL A 172 -20.06 13.29 -3.31
CA VAL A 172 -19.93 14.58 -3.94
C VAL A 172 -19.20 15.42 -2.91
N ASN A 173 -19.82 15.56 -1.74
CA ASN A 173 -19.21 16.32 -0.68
C ASN A 173 -19.18 15.52 0.61
N SER A 174 -17.97 15.13 1.01
CA SER A 174 -17.76 14.34 2.23
C SER A 174 -17.46 15.20 3.49
N ASP A 175 -17.98 16.43 3.50
CA ASP A 175 -17.99 17.25 4.70
C ASP A 175 -18.88 16.56 5.70
N TYR A 176 -18.48 16.61 6.97
CA TYR A 176 -19.13 15.85 8.02
C TYR A 176 -19.33 16.60 9.35
N GLU A 177 -20.42 16.31 10.04
CA GLU A 177 -20.71 16.83 11.38
C GLU A 177 -20.09 15.91 12.44
N LEU A 178 -19.56 16.51 13.51
CA LEU A 178 -18.99 15.74 14.63
C LEU A 178 -20.06 15.64 15.72
N THR A 179 -20.31 14.42 16.21
CA THR A 179 -21.21 14.20 17.36
C THR A 179 -20.58 13.18 18.34
N TYR A 180 -20.17 13.66 19.51
CA TYR A 180 -19.68 12.80 20.59
C TYR A 180 -20.84 11.94 21.08
N ASN A 181 -20.55 10.69 21.49
CA ASN A 181 -21.58 9.80 22.02
C ASN A 181 -21.49 9.63 23.55
N LEU A 182 -22.46 10.21 24.25
CA LEU A 182 -22.62 10.02 25.68
C LEU A 182 -23.17 8.61 25.95
N GLU A 183 -24.19 8.21 25.18
CA GLU A 183 -24.82 6.90 25.31
C GLU A 183 -23.86 5.70 25.16
N LYS A 184 -22.67 5.91 24.57
CA LYS A 184 -21.69 4.83 24.32
C LYS A 184 -20.19 5.16 24.45
N LYS A 185 -19.86 6.40 24.80
CA LYS A 185 -18.45 6.85 25.02
C LYS A 185 -17.52 6.71 23.79
N ARG A 186 -17.57 7.69 22.88
CA ARG A 186 -16.65 7.76 21.72
C ARG A 186 -16.95 8.96 20.79
N ASP A 187 -16.05 9.21 19.83
CA ASP A 187 -16.27 10.21 18.75
C ASP A 187 -16.98 9.53 17.56
N GLU A 188 -17.91 10.25 16.92
CA GLU A 188 -18.67 9.68 15.81
C GLU A 188 -18.98 10.71 14.71
N ARG A 189 -18.40 10.48 13.53
CA ARG A 189 -18.65 11.33 12.37
C ARG A 189 -19.99 11.00 11.73
N SER A 190 -20.43 11.87 10.84
CA SER A 190 -21.67 11.66 10.09
C SER A 190 -21.74 12.62 8.90
N VAL A 191 -21.65 12.08 7.69
CA VAL A 191 -21.53 12.90 6.50
C VAL A 191 -22.76 13.80 6.30
N LYS A 192 -22.54 15.03 5.85
CA LYS A 192 -23.62 16.01 5.65
C LYS A 192 -24.48 15.60 4.46
N SER A 193 -23.83 15.50 3.30
CA SER A 193 -24.51 15.16 2.05
C SER A 193 -24.12 13.75 1.61
N THR A 194 -25.13 12.89 1.46
CA THR A 194 -24.95 11.52 0.98
C THR A 194 -25.05 11.39 -0.56
N ALA A 195 -24.90 12.49 -1.28
CA ALA A 195 -24.87 12.43 -2.75
C ALA A 195 -23.57 11.77 -3.16
N VAL A 196 -23.66 10.83 -4.11
CA VAL A 196 -22.49 10.09 -4.56
C VAL A 196 -22.47 10.00 -6.08
N ARG A 197 -21.33 9.55 -6.61
CA ARG A 197 -21.17 9.30 -8.05
C ARG A 197 -20.32 8.05 -8.20
N VAL A 198 -20.39 7.44 -9.38
CA VAL A 198 -19.71 6.19 -9.61
C VAL A 198 -18.50 6.39 -10.52
N VAL A 199 -17.37 5.85 -10.12
CA VAL A 199 -16.13 6.08 -10.85
C VAL A 199 -15.56 4.78 -11.36
N ASP A 200 -14.46 4.89 -12.11
CA ASP A 200 -13.72 3.74 -12.65
C ASP A 200 -14.49 2.97 -13.70
N PHE A 201 -14.21 3.25 -14.97
CA PHE A 201 -14.86 2.55 -16.06
C PHE A 201 -13.85 1.82 -16.91
N GLY A 202 -12.63 1.66 -16.39
CA GLY A 202 -11.58 0.97 -17.12
C GLY A 202 -11.88 -0.50 -17.37
N SER A 203 -12.70 -1.08 -16.51
CA SER A 203 -13.05 -2.47 -16.61
C SER A 203 -14.40 -2.66 -17.28
N ALA A 204 -15.16 -1.58 -17.45
CA ALA A 204 -16.56 -1.69 -17.92
C ALA A 204 -16.66 -2.24 -19.34
N THR A 205 -17.68 -3.04 -19.59
CA THR A 205 -17.75 -3.83 -20.81
C THR A 205 -19.14 -3.73 -21.48
N PHE A 206 -19.13 -3.60 -22.80
CA PHE A 206 -20.34 -3.62 -23.62
C PHE A 206 -20.71 -5.05 -23.99
N ASP A 207 -22.00 -5.30 -24.17
CA ASP A 207 -22.46 -6.68 -24.42
C ASP A 207 -21.73 -7.40 -25.56
N HIS A 208 -21.49 -6.68 -26.65
CA HIS A 208 -20.83 -7.26 -27.84
C HIS A 208 -19.32 -7.42 -27.71
N GLU A 209 -18.68 -6.65 -26.84
CA GLU A 209 -17.23 -6.74 -26.68
C GLU A 209 -16.84 -8.01 -25.96
N HIS A 210 -15.53 -8.28 -25.94
CA HIS A 210 -14.99 -9.46 -25.27
C HIS A 210 -15.18 -9.36 -23.76
N HIS A 211 -15.45 -10.50 -23.14
CA HIS A 211 -15.66 -10.62 -21.70
C HIS A 211 -14.44 -11.31 -21.09
N SER A 212 -13.72 -10.62 -20.21
CA SER A 212 -12.66 -11.28 -19.46
C SER A 212 -13.27 -12.39 -18.62
N THR A 213 -12.52 -13.46 -18.42
CA THR A 213 -13.00 -14.59 -17.66
C THR A 213 -13.26 -14.24 -16.18
N ILE A 214 -12.33 -13.52 -15.56
CA ILE A 214 -12.42 -13.15 -14.14
C ILE A 214 -12.60 -11.65 -14.01
N VAL A 215 -13.56 -11.16 -13.20
CA VAL A 215 -13.94 -9.75 -13.34
C VAL A 215 -14.11 -8.82 -12.15
N SER A 216 -14.74 -9.22 -11.07
CA SER A 216 -14.95 -8.20 -10.02
C SER A 216 -13.83 -8.25 -8.98
N THR A 217 -13.76 -7.25 -8.11
CA THR A 217 -12.87 -7.37 -6.96
C THR A 217 -13.44 -8.45 -6.04
N ARG A 218 -12.56 -9.36 -5.62
CA ARG A 218 -12.93 -10.58 -4.90
C ARG A 218 -14.20 -10.51 -4.07
N HIS A 219 -14.28 -9.58 -3.16
CA HIS A 219 -15.38 -9.62 -2.19
C HIS A 219 -16.73 -9.35 -2.81
N TYR A 220 -16.70 -8.79 -4.01
CA TYR A 220 -17.89 -8.31 -4.69
C TYR A 220 -18.22 -9.18 -5.87
N ARG A 221 -17.44 -10.25 -6.05
CA ARG A 221 -17.54 -11.13 -7.19
C ARG A 221 -18.73 -12.05 -7.01
N ALA A 222 -19.40 -12.27 -8.14
CA ALA A 222 -20.63 -13.04 -8.24
C ALA A 222 -20.35 -14.51 -8.56
N PRO A 223 -21.21 -15.42 -8.07
CA PRO A 223 -20.98 -16.84 -8.24
C PRO A 223 -20.85 -17.27 -9.69
N GLU A 224 -21.67 -16.71 -10.57
CA GLU A 224 -21.56 -17.10 -11.97
C GLU A 224 -20.13 -16.89 -12.52
N VAL A 225 -19.45 -15.88 -12.00
CA VAL A 225 -18.08 -15.56 -12.42
C VAL A 225 -17.12 -16.59 -11.90
N ILE A 226 -17.25 -16.89 -10.61
CA ILE A 226 -16.34 -17.84 -9.95
C ILE A 226 -16.46 -19.16 -10.64
N LEU A 227 -17.70 -19.56 -10.90
CA LEU A 227 -18.00 -20.80 -11.60
C LEU A 227 -17.84 -20.72 -13.12
N GLU A 228 -17.45 -19.54 -13.62
CA GLU A 228 -17.12 -19.35 -15.04
C GLU A 228 -18.26 -19.78 -15.93
N LEU A 229 -19.46 -19.34 -15.59
CA LEU A 229 -20.65 -19.65 -16.37
C LEU A 229 -20.96 -18.53 -17.35
N GLY A 230 -20.07 -17.54 -17.45
CA GLY A 230 -20.33 -16.36 -18.26
C GLY A 230 -21.27 -15.40 -17.55
N TRP A 231 -21.00 -14.12 -17.70
CA TRP A 231 -21.62 -13.12 -16.86
C TRP A 231 -22.11 -11.98 -17.71
N SER A 232 -22.88 -11.09 -17.09
CA SER A 232 -23.34 -9.88 -17.75
C SER A 232 -24.01 -8.99 -16.69
N GLN A 233 -24.93 -8.15 -17.11
CA GLN A 233 -25.52 -7.13 -16.23
C GLN A 233 -25.76 -7.62 -14.79
N PRO A 234 -26.31 -8.85 -14.61
CA PRO A 234 -26.67 -9.23 -13.22
C PRO A 234 -25.51 -9.33 -12.23
N CYS A 235 -24.29 -9.61 -12.67
CA CYS A 235 -23.16 -9.64 -11.73
C CYS A 235 -22.88 -8.28 -11.08
N ASP A 236 -23.19 -7.17 -11.76
CA ASP A 236 -23.18 -5.86 -11.10
C ASP A 236 -24.12 -5.87 -9.88
N VAL A 237 -25.25 -6.54 -10.03
CA VAL A 237 -26.26 -6.52 -8.96
C VAL A 237 -25.77 -7.25 -7.74
N TRP A 238 -25.11 -8.39 -7.95
CA TRP A 238 -24.52 -9.12 -6.85
C TRP A 238 -23.64 -8.16 -6.06
N SER A 239 -22.73 -7.49 -6.76
CA SER A 239 -21.78 -6.59 -6.14
C SER A 239 -22.52 -5.51 -5.35
N ILE A 240 -23.56 -4.95 -5.95
CA ILE A 240 -24.33 -3.90 -5.30
C ILE A 240 -24.92 -4.41 -3.99
N GLY A 241 -25.43 -5.62 -4.02
CA GLY A 241 -25.96 -6.22 -2.80
C GLY A 241 -24.90 -6.32 -1.72
N CYS A 242 -23.69 -6.74 -2.13
CA CYS A 242 -22.58 -6.86 -1.19
C CYS A 242 -22.20 -5.52 -0.62
N ILE A 243 -22.29 -4.49 -1.45
CA ILE A 243 -21.94 -3.14 -1.03
C ILE A 243 -22.97 -2.64 -0.03
N ILE A 244 -24.25 -2.78 -0.37
CA ILE A 244 -25.33 -2.31 0.49
C ILE A 244 -25.27 -3.03 1.85
N PHE A 245 -24.99 -4.31 1.84
CA PHE A 245 -24.81 -5.02 3.08
C PHE A 245 -23.68 -4.36 3.85
N GLU A 246 -22.57 -4.14 3.15
CA GLU A 246 -21.37 -3.59 3.78
C GLU A 246 -21.64 -2.24 4.41
N TYR A 247 -22.44 -1.41 3.75
CA TYR A 247 -22.82 -0.11 4.29
C TYR A 247 -23.61 -0.28 5.58
N TYR A 248 -24.55 -1.23 5.60
CA TYR A 248 -25.40 -1.44 6.78
C TYR A 248 -24.67 -1.94 8.03
N VAL A 249 -23.69 -2.82 7.86
CA VAL A 249 -22.96 -3.41 8.99
C VAL A 249 -21.53 -2.90 9.13
N GLY A 250 -21.01 -2.27 8.09
CA GLY A 250 -19.71 -1.62 8.18
C GLY A 250 -18.52 -2.51 7.91
N PHE A 251 -18.75 -3.75 7.50
CA PHE A 251 -17.67 -4.66 7.12
C PHE A 251 -18.09 -5.54 5.93
N THR A 252 -17.10 -6.21 5.34
CA THR A 252 -17.30 -6.95 4.11
C THR A 252 -18.06 -8.24 4.30
N LEU A 253 -19.04 -8.49 3.44
CA LEU A 253 -19.85 -9.70 3.52
C LEU A 253 -18.99 -10.92 3.33
N PHE A 254 -18.15 -10.91 2.30
CA PHE A 254 -17.33 -12.06 1.97
C PHE A 254 -15.86 -11.77 2.14
N GLN A 255 -15.35 -11.94 3.36
CA GLN A 255 -13.96 -11.62 3.63
C GLN A 255 -13.14 -12.89 3.47
N THR A 256 -12.71 -13.15 2.23
CA THR A 256 -11.90 -14.32 1.87
C THR A 256 -11.08 -14.06 0.61
N HIS A 257 -10.18 -14.97 0.26
CA HIS A 257 -9.35 -14.83 -0.94
C HIS A 257 -9.16 -16.15 -1.65
N ASP A 258 -10.16 -17.01 -1.57
CA ASP A 258 -10.05 -18.39 -2.05
C ASP A 258 -11.41 -18.79 -2.58
N ASN A 259 -11.47 -19.27 -3.80
CA ASN A 259 -12.76 -19.59 -4.41
C ASN A 259 -13.60 -20.60 -3.60
N ARG A 260 -12.97 -21.69 -3.16
CA ARG A 260 -13.69 -22.70 -2.38
C ARG A 260 -14.30 -22.06 -1.14
N GLU A 261 -13.45 -21.36 -0.39
CA GLU A 261 -13.89 -20.70 0.84
C GLU A 261 -15.02 -19.72 0.54
N HIS A 262 -14.89 -19.00 -0.56
CA HIS A 262 -15.87 -18.01 -0.93
C HIS A 262 -17.19 -18.73 -1.17
N LEU A 263 -17.14 -19.85 -1.88
CA LEU A 263 -18.35 -20.61 -2.15
C LEU A 263 -18.96 -21.13 -0.85
N ALA A 264 -18.12 -21.54 0.08
CA ALA A 264 -18.58 -21.97 1.40
C ALA A 264 -19.34 -20.86 2.08
N MET A 265 -18.70 -19.72 2.22
CA MET A 265 -19.33 -18.56 2.83
C MET A 265 -20.70 -18.31 2.20
N MET A 266 -20.75 -18.30 0.87
CA MET A 266 -22.02 -18.10 0.21
C MET A 266 -23.05 -19.08 0.75
N GLU A 267 -22.66 -20.35 0.83
CA GLU A 267 -23.61 -21.38 1.23
C GLU A 267 -24.09 -21.15 2.66
N ARG A 268 -23.14 -20.91 3.54
CA ARG A 268 -23.43 -20.62 4.94
C ARG A 268 -24.36 -19.42 5.10
N ILE A 269 -24.13 -18.39 4.31
CA ILE A 269 -24.82 -17.12 4.48
C ILE A 269 -26.19 -17.14 3.81
N LEU A 270 -26.26 -17.75 2.63
CA LEU A 270 -27.45 -17.69 1.77
C LEU A 270 -28.22 -19.01 1.58
N GLY A 271 -27.65 -20.13 2.03
CA GLY A 271 -28.20 -21.44 1.76
C GLY A 271 -27.42 -22.10 0.63
N PRO A 272 -27.79 -23.33 0.26
CA PRO A 272 -26.97 -24.12 -0.66
C PRO A 272 -27.02 -23.59 -2.07
N ILE A 273 -25.95 -23.89 -2.80
CA ILE A 273 -25.82 -23.54 -4.22
C ILE A 273 -26.72 -24.48 -5.01
N PRO A 274 -27.59 -23.93 -5.89
CA PRO A 274 -28.50 -24.79 -6.65
C PRO A 274 -27.79 -25.72 -7.64
N SER A 275 -28.45 -26.84 -7.93
CA SER A 275 -27.83 -27.91 -8.69
C SER A 275 -27.60 -27.54 -10.16
N ARG A 276 -28.50 -26.77 -10.76
CA ARG A 276 -28.31 -26.36 -12.16
C ARG A 276 -26.91 -25.79 -12.33
N MET A 277 -26.53 -24.93 -11.39
CA MET A 277 -25.23 -24.28 -11.43
C MET A 277 -24.11 -25.30 -11.23
N ILE A 278 -24.37 -26.28 -10.38
CA ILE A 278 -23.35 -27.26 -10.04
C ILE A 278 -23.08 -28.24 -11.19
N ARG A 279 -24.12 -28.63 -11.93
CA ARG A 279 -23.90 -29.52 -13.08
C ARG A 279 -23.31 -28.72 -14.25
N LYS A 280 -23.87 -27.53 -14.49
CA LYS A 280 -23.54 -26.71 -15.66
C LYS A 280 -22.18 -25.98 -15.61
N THR A 281 -21.48 -25.97 -14.47
CA THR A 281 -20.14 -25.33 -14.39
C THR A 281 -19.08 -26.26 -14.97
N ARG A 282 -18.03 -25.68 -15.54
CA ARG A 282 -16.85 -26.47 -15.91
C ARG A 282 -15.85 -26.57 -14.75
N LYS A 283 -16.14 -25.91 -13.60
CA LYS A 283 -15.21 -25.92 -12.45
C LYS A 283 -15.62 -26.99 -11.45
N GLN A 284 -15.61 -28.24 -11.89
CA GLN A 284 -16.15 -29.36 -11.11
C GLN A 284 -15.22 -29.77 -9.98
N LYS A 285 -13.99 -29.23 -9.94
CA LYS A 285 -13.05 -29.47 -8.84
C LYS A 285 -13.67 -29.07 -7.50
N TYR A 286 -14.54 -28.04 -7.51
CA TYR A 286 -15.11 -27.48 -6.28
C TYR A 286 -16.29 -28.27 -5.73
N PHE A 287 -16.77 -29.27 -6.46
CA PHE A 287 -17.94 -30.03 -6.06
C PHE A 287 -17.74 -31.54 -6.05
N TYR A 288 -18.62 -32.23 -5.35
CA TYR A 288 -18.60 -33.67 -5.28
C TYR A 288 -19.98 -34.21 -4.93
N ARG A 289 -20.51 -35.05 -5.81
CA ARG A 289 -21.86 -35.62 -5.65
C ARG A 289 -22.89 -34.55 -5.32
N GLY A 290 -22.86 -33.48 -6.11
CA GLY A 290 -23.90 -32.48 -6.07
C GLY A 290 -23.85 -31.57 -4.87
N ARG A 291 -22.72 -31.52 -4.18
CA ARG A 291 -22.54 -30.62 -3.04
C ARG A 291 -21.12 -30.02 -3.04
N LEU A 292 -20.93 -28.96 -2.28
CA LEU A 292 -19.66 -28.28 -2.27
C LEU A 292 -18.71 -29.20 -1.57
N ASP A 293 -17.57 -29.44 -2.20
CA ASP A 293 -16.58 -30.36 -1.65
C ASP A 293 -15.80 -29.65 -0.56
N TRP A 294 -16.47 -29.42 0.58
CA TRP A 294 -15.93 -28.59 1.68
C TRP A 294 -16.17 -29.26 3.04
N ASP A 295 -15.11 -29.45 3.81
CA ASP A 295 -15.21 -30.06 5.13
C ASP A 295 -15.35 -28.92 6.15
N GLU A 296 -16.50 -28.86 6.83
CA GLU A 296 -16.75 -27.85 7.86
C GLU A 296 -15.88 -27.94 9.12
N ASN A 297 -15.19 -29.05 9.34
CA ASN A 297 -14.43 -29.21 10.57
C ASN A 297 -12.92 -29.01 10.41
N THR A 298 -12.47 -28.56 9.25
CA THR A 298 -11.08 -28.11 9.14
C THR A 298 -10.97 -26.76 9.79
N SER A 299 -9.76 -26.25 9.98
CA SER A 299 -9.62 -24.93 10.61
C SER A 299 -10.23 -23.86 9.69
N ALA A 300 -10.09 -24.05 8.39
CA ALA A 300 -10.82 -23.23 7.43
C ALA A 300 -12.33 -23.34 7.65
N GLY A 301 -12.78 -24.56 7.86
CA GLY A 301 -14.21 -24.80 8.03
C GLY A 301 -14.74 -24.10 9.25
N ARG A 302 -13.96 -24.14 10.33
CA ARG A 302 -14.33 -23.49 11.60
C ARG A 302 -14.28 -22.00 11.45
N TYR A 303 -13.25 -21.48 10.78
CA TYR A 303 -13.18 -20.04 10.52
C TYR A 303 -14.44 -19.56 9.83
N VAL A 304 -14.86 -20.26 8.77
CA VAL A 304 -16.04 -19.81 8.04
C VAL A 304 -17.27 -19.76 8.92
N ARG A 305 -17.52 -20.84 9.64
CA ARG A 305 -18.72 -20.94 10.44
C ARG A 305 -18.68 -19.95 11.59
N GLU A 306 -17.50 -19.73 12.14
CA GLU A 306 -17.30 -18.81 13.26
C GLU A 306 -17.49 -17.35 12.87
N ASN A 307 -17.08 -16.96 11.66
CA ASN A 307 -16.97 -15.56 11.28
C ASN A 307 -17.94 -15.13 10.18
N CYS A 308 -18.95 -15.93 9.91
CA CYS A 308 -20.10 -15.42 9.16
C CYS A 308 -21.30 -16.30 9.41
N LYS A 309 -22.48 -15.81 9.06
CA LYS A 309 -23.72 -16.43 9.51
C LYS A 309 -24.91 -16.16 8.56
N PRO A 310 -26.05 -16.86 8.74
CA PRO A 310 -27.18 -16.70 7.84
C PRO A 310 -27.56 -15.25 7.68
N LEU A 311 -27.87 -14.84 6.45
CA LEU A 311 -28.00 -13.43 6.14
C LEU A 311 -28.85 -12.70 7.16
N ARG A 312 -30.02 -13.24 7.49
CA ARG A 312 -30.99 -12.49 8.27
C ARG A 312 -30.60 -12.35 9.75
N ARG A 313 -29.68 -13.19 10.21
CA ARG A 313 -29.09 -12.99 11.53
C ARG A 313 -28.22 -11.71 11.64
N TYR A 314 -28.08 -10.96 10.56
CA TYR A 314 -27.39 -9.68 10.64
C TYR A 314 -28.33 -8.54 11.00
N LEU A 315 -29.65 -8.73 10.86
CA LEU A 315 -30.63 -7.71 11.28
C LEU A 315 -30.45 -7.24 12.72
N THR A 316 -30.37 -5.92 12.89
CA THR A 316 -30.33 -5.29 14.21
C THR A 316 -31.74 -5.09 14.75
N SER A 317 -32.45 -4.13 14.18
CA SER A 317 -33.78 -3.76 14.63
C SER A 317 -34.78 -4.59 13.87
N GLU A 318 -36.03 -4.56 14.31
CA GLU A 318 -37.10 -5.33 13.68
C GLU A 318 -38.18 -4.41 13.13
N ALA A 319 -37.81 -3.15 12.86
CA ALA A 319 -38.69 -2.22 12.18
C ALA A 319 -38.88 -2.65 10.73
N GLU A 320 -40.04 -2.33 10.17
CA GLU A 320 -40.40 -2.74 8.81
C GLU A 320 -39.31 -2.34 7.80
N GLU A 321 -38.85 -1.09 7.87
CA GLU A 321 -37.86 -0.59 6.89
C GLU A 321 -36.57 -1.44 6.85
N HIS A 322 -36.09 -1.92 8.00
CA HIS A 322 -34.95 -2.85 8.04
C HIS A 322 -35.24 -4.17 7.31
N HIS A 323 -36.44 -4.73 7.50
CA HIS A 323 -36.82 -5.96 6.79
C HIS A 323 -36.90 -5.76 5.28
N GLN A 324 -37.28 -4.56 4.84
CA GLN A 324 -37.34 -4.25 3.43
C GLN A 324 -35.92 -4.23 2.85
N LEU A 325 -34.97 -3.71 3.62
CA LEU A 325 -33.57 -3.68 3.21
C LEU A 325 -33.09 -5.08 2.89
N PHE A 326 -33.27 -5.99 3.84
CA PHE A 326 -32.82 -7.36 3.66
C PHE A 326 -33.61 -8.15 2.61
N ASP A 327 -34.88 -7.79 2.41
CA ASP A 327 -35.61 -8.34 1.29
C ASP A 327 -34.82 -7.98 0.04
N LEU A 328 -34.47 -6.70 -0.07
CA LEU A 328 -33.77 -6.16 -1.23
C LEU A 328 -32.44 -6.89 -1.43
N ILE A 329 -31.68 -6.99 -0.35
CA ILE A 329 -30.36 -7.63 -0.40
C ILE A 329 -30.49 -9.07 -0.86
N GLU A 330 -31.35 -9.83 -0.21
CA GLU A 330 -31.62 -11.21 -0.65
C GLU A 330 -31.90 -11.31 -2.14
N SER A 331 -32.87 -10.54 -2.61
CA SER A 331 -33.23 -10.59 -4.03
C SER A 331 -32.03 -10.31 -4.92
N MET A 332 -31.15 -9.41 -4.46
CA MET A 332 -29.94 -9.04 -5.20
C MET A 332 -28.88 -10.13 -5.14
N LEU A 333 -28.85 -10.92 -4.06
CA LEU A 333 -27.87 -12.01 -3.93
C LEU A 333 -28.43 -13.40 -4.35
N GLU A 334 -29.39 -13.40 -5.26
CA GLU A 334 -29.93 -14.64 -5.81
C GLU A 334 -28.83 -15.34 -6.60
N TYR A 335 -28.55 -16.61 -6.28
CA TYR A 335 -27.48 -17.36 -6.93
C TYR A 335 -27.51 -17.38 -8.46
N GLU A 336 -28.70 -17.43 -9.08
CA GLU A 336 -28.80 -17.58 -10.53
C GLU A 336 -29.02 -16.23 -11.22
N PRO A 337 -28.07 -15.80 -12.07
CA PRO A 337 -28.17 -14.48 -12.67
C PRO A 337 -29.51 -14.22 -13.36
N ALA A 338 -30.00 -15.23 -14.07
CA ALA A 338 -31.29 -15.16 -14.74
C ALA A 338 -32.45 -14.79 -13.81
N LYS A 339 -32.43 -15.32 -12.58
CA LYS A 339 -33.50 -15.08 -11.60
C LYS A 339 -33.22 -13.88 -10.72
N ARG A 340 -31.97 -13.42 -10.73
CA ARG A 340 -31.56 -12.35 -9.86
C ARG A 340 -32.24 -11.05 -10.25
N LEU A 341 -32.68 -10.32 -9.25
CA LEU A 341 -33.30 -9.00 -9.39
C LEU A 341 -32.57 -8.09 -10.38
N THR A 342 -33.31 -7.38 -11.21
CA THR A 342 -32.72 -6.36 -12.08
C THR A 342 -32.88 -5.01 -11.41
N LEU A 343 -32.13 -4.04 -11.91
CA LEU A 343 -32.08 -2.73 -11.26
C LEU A 343 -33.38 -1.98 -11.47
N GLY A 344 -33.99 -2.17 -12.64
CA GLY A 344 -35.37 -1.73 -12.86
C GLY A 344 -36.27 -2.22 -11.72
N GLU A 345 -36.36 -3.53 -11.59
CA GLU A 345 -37.14 -4.15 -10.53
C GLU A 345 -36.69 -3.60 -9.16
N ALA A 346 -35.38 -3.41 -9.00
CA ALA A 346 -34.80 -2.98 -7.74
C ALA A 346 -35.24 -1.57 -7.32
N LEU A 347 -35.29 -0.65 -8.27
CA LEU A 347 -35.70 0.73 -7.98
C LEU A 347 -37.15 0.85 -7.52
N GLN A 348 -38.01 -0.09 -7.96
CA GLN A 348 -39.42 -0.10 -7.57
C GLN A 348 -39.66 -0.66 -6.17
N HIS A 349 -38.61 -1.20 -5.54
CA HIS A 349 -38.76 -1.95 -4.31
C HIS A 349 -39.30 -1.07 -3.18
N PRO A 350 -40.18 -1.64 -2.33
CA PRO A 350 -40.70 -1.00 -1.14
C PRO A 350 -39.70 -0.13 -0.38
N PHE A 351 -38.53 -0.69 -0.08
CA PHE A 351 -37.48 0.02 0.64
C PHE A 351 -37.29 1.45 0.14
N PHE A 352 -37.34 1.61 -1.19
CA PHE A 352 -37.12 2.90 -1.82
C PHE A 352 -38.39 3.72 -2.05
N ALA A 353 -39.56 3.14 -1.79
CA ALA A 353 -40.82 3.86 -1.97
C ALA A 353 -40.70 5.31 -1.50
N ARG A 354 -40.20 5.50 -0.27
CA ARG A 354 -39.99 6.84 0.31
C ARG A 354 -39.32 7.87 -0.62
N LEU A 355 -38.55 7.43 -1.60
CA LEU A 355 -37.94 8.33 -2.58
C LEU A 355 -38.77 8.31 -3.90
N ARG A 356 -38.11 8.31 -5.06
CA ARG A 356 -38.77 8.46 -6.38
C ARG A 356 -39.39 9.87 -6.55
N SER B 10 -7.14 -6.22 8.00
CA SER B 10 -6.31 -5.41 7.07
C SER B 10 -6.04 -6.10 5.71
N ARG B 11 -6.42 -7.37 5.56
CA ARG B 11 -6.04 -8.17 4.38
C ARG B 11 -7.08 -8.11 3.27
N ARG B 12 -7.54 -6.90 2.97
CA ARG B 12 -8.59 -6.62 1.98
C ARG B 12 -8.00 -6.54 0.58
N ALA B 13 -8.69 -7.16 -0.38
CA ALA B 13 -8.31 -7.10 -1.79
C ALA B 13 -8.58 -5.71 -2.30
N LYS B 14 -7.56 -5.11 -2.91
CA LYS B 14 -7.71 -3.73 -3.37
C LYS B 14 -7.96 -3.61 -4.86
N SER B 15 -8.01 -4.74 -5.56
CA SER B 15 -8.15 -4.73 -7.02
C SER B 15 -8.41 -6.14 -7.56
N VAL B 16 -8.81 -6.23 -8.82
CA VAL B 16 -8.98 -7.52 -9.51
C VAL B 16 -7.62 -8.21 -9.76
N GLU B 17 -6.57 -7.41 -9.82
CA GLU B 17 -5.20 -7.90 -9.93
C GLU B 17 -4.69 -8.41 -8.59
N ASP B 18 -5.39 -8.07 -7.51
CA ASP B 18 -5.02 -8.47 -6.15
C ASP B 18 -5.69 -9.79 -5.75
N ASP B 19 -5.52 -10.83 -6.57
CA ASP B 19 -5.85 -12.18 -6.16
C ASP B 19 -4.81 -12.63 -5.14
N ALA B 20 -5.02 -13.77 -4.49
CA ALA B 20 -4.04 -14.27 -3.51
C ALA B 20 -2.80 -14.84 -4.23
N GLU B 21 -2.30 -14.12 -5.24
CA GLU B 21 -1.23 -14.62 -6.11
C GLU B 21 0.01 -14.97 -5.32
N GLY B 22 0.21 -16.26 -5.12
CA GLY B 22 1.29 -16.75 -4.29
C GLY B 22 0.97 -16.64 -2.82
N HIS B 23 0.20 -15.63 -2.43
CA HIS B 23 -0.13 -15.38 -1.03
C HIS B 23 -0.61 -16.66 -0.36
N LEU B 24 -0.08 -16.96 0.81
CA LEU B 24 -0.55 -18.10 1.60
C LEU B 24 -1.95 -17.83 2.14
N ILE B 25 -2.86 -18.78 1.96
CA ILE B 25 -4.20 -18.69 2.58
C ILE B 25 -4.10 -19.09 4.05
N TYR B 26 -4.40 -18.14 4.95
CA TYR B 26 -4.30 -18.37 6.40
C TYR B 26 -5.21 -17.45 7.21
N HIS B 27 -5.58 -17.90 8.40
CA HIS B 27 -6.43 -17.12 9.31
C HIS B 27 -5.83 -17.16 10.70
N VAL B 28 -6.05 -16.11 11.49
CA VAL B 28 -5.56 -16.05 12.86
C VAL B 28 -6.05 -17.27 13.58
N GLY B 29 -5.24 -17.78 14.48
CA GLY B 29 -5.54 -19.05 15.13
C GLY B 29 -4.90 -20.29 14.50
N ASP B 30 -4.69 -20.28 13.18
CA ASP B 30 -4.00 -21.39 12.48
C ASP B 30 -2.69 -21.85 13.16
N TRP B 31 -2.42 -23.16 13.09
CA TRP B 31 -1.18 -23.75 13.62
C TRP B 31 -0.28 -24.20 12.48
N LEU B 32 1.00 -23.93 12.63
CA LEU B 32 1.98 -24.26 11.63
C LEU B 32 2.95 -25.24 12.25
N GLN B 33 3.15 -26.39 11.59
CA GLN B 33 4.04 -27.45 12.09
C GLN B 33 3.69 -27.84 13.53
N GLU B 34 2.40 -27.87 13.87
CA GLU B 34 1.95 -28.20 15.24
C GLU B 34 2.74 -27.45 16.33
N ARG B 35 3.11 -26.20 16.05
CA ARG B 35 3.99 -25.46 16.94
C ARG B 35 3.70 -23.97 17.05
N TYR B 36 3.49 -23.33 15.89
CA TYR B 36 3.40 -21.89 15.81
C TYR B 36 1.96 -21.54 15.56
N GLU B 37 1.36 -20.82 16.51
CA GLU B 37 -0.03 -20.39 16.39
C GLU B 37 -0.04 -18.92 16.01
N ILE B 38 -0.68 -18.60 14.89
CA ILE B 38 -0.74 -17.24 14.39
C ILE B 38 -1.67 -16.40 15.25
N VAL B 39 -1.20 -15.22 15.63
CA VAL B 39 -1.94 -14.32 16.52
C VAL B 39 -2.41 -13.04 15.80
N SER B 40 -1.49 -12.40 15.08
CA SER B 40 -1.79 -11.18 14.34
C SER B 40 -0.92 -11.11 13.09
N THR B 41 -1.29 -10.25 12.15
CA THR B 41 -0.45 -9.93 11.00
C THR B 41 0.32 -8.67 11.36
N LEU B 42 1.64 -8.74 11.42
CA LEU B 42 2.46 -7.59 11.80
C LEU B 42 2.80 -6.69 10.63
N GLY B 43 2.82 -7.23 9.42
CA GLY B 43 3.18 -6.43 8.26
C GLY B 43 3.02 -7.14 6.94
N GLU B 44 3.24 -6.40 5.87
CA GLU B 44 3.21 -6.95 4.54
C GLU B 44 4.43 -6.44 3.78
N GLY B 45 4.77 -7.13 2.69
CA GLY B 45 5.83 -6.70 1.82
C GLY B 45 5.72 -7.26 0.41
N THR B 46 6.74 -6.96 -0.36
CA THR B 46 6.87 -7.52 -1.69
C THR B 46 7.13 -9.01 -1.57
N PHE B 47 7.92 -9.38 -0.57
CA PHE B 47 8.30 -10.76 -0.32
C PHE B 47 7.14 -11.62 0.17
N GLY B 48 6.16 -10.99 0.83
CA GLY B 48 5.03 -11.72 1.40
C GLY B 48 4.53 -11.02 2.64
N ARG B 49 4.49 -11.74 3.76
CA ARG B 49 3.92 -11.22 5.01
C ARG B 49 4.76 -11.58 6.23
N VAL B 50 4.64 -10.77 7.27
CA VAL B 50 5.21 -11.12 8.57
C VAL B 50 4.10 -11.17 9.63
N VAL B 51 3.92 -12.35 10.23
CA VAL B 51 2.88 -12.56 11.24
C VAL B 51 3.49 -12.81 12.61
N GLN B 52 2.71 -12.48 13.63
CA GLN B 52 3.08 -12.76 15.01
C GLN B 52 2.55 -14.13 15.43
N CYS B 53 3.41 -14.91 16.07
CA CYS B 53 3.05 -16.27 16.46
C CYS B 53 3.43 -16.56 17.88
N VAL B 54 2.75 -17.57 18.43
CA VAL B 54 3.09 -18.13 19.71
C VAL B 54 3.85 -19.43 19.49
N ASP B 55 5.03 -19.54 20.09
CA ASP B 55 5.84 -20.75 20.00
C ASP B 55 5.45 -21.67 21.13
N HIS B 56 4.55 -22.61 20.82
CA HIS B 56 4.08 -23.54 21.83
C HIS B 56 5.12 -24.54 22.27
N ARG B 57 6.15 -24.78 21.46
CA ARG B 57 7.26 -25.61 21.90
C ARG B 57 8.28 -24.85 22.75
N ARG B 58 8.08 -23.56 23.01
CA ARG B 58 8.92 -22.89 23.99
C ARG B 58 8.10 -22.01 24.90
N GLY B 59 7.18 -22.67 25.60
CA GLY B 59 6.40 -22.06 26.66
C GLY B 59 5.74 -20.76 26.30
N GLY B 60 5.14 -20.71 25.12
CA GLY B 60 4.32 -19.57 24.74
C GLY B 60 5.05 -18.26 24.43
N ALA B 61 6.36 -18.30 24.23
CA ALA B 61 7.08 -17.13 23.78
C ALA B 61 6.55 -16.69 22.42
N ARG B 62 6.59 -15.38 22.19
CA ARG B 62 6.08 -14.76 20.97
C ARG B 62 7.18 -14.69 19.92
N VAL B 63 6.87 -14.91 18.66
CA VAL B 63 7.86 -14.72 17.61
C VAL B 63 7.25 -14.06 16.39
N ALA B 64 8.13 -13.64 15.49
CA ALA B 64 7.75 -13.04 14.22
C ALA B 64 8.14 -14.00 13.14
N LEU B 65 7.25 -14.19 12.19
CA LEU B 65 7.40 -15.25 11.22
C LEU B 65 7.22 -14.72 9.81
N LYS B 66 8.34 -14.53 9.12
CA LYS B 66 8.34 -14.08 7.75
C LYS B 66 7.85 -15.21 6.86
N ILE B 67 6.77 -14.96 6.14
CA ILE B 67 6.17 -15.97 5.30
C ILE B 67 6.34 -15.51 3.87
N ILE B 68 7.06 -16.30 3.07
CA ILE B 68 7.37 -15.88 1.72
C ILE B 68 6.32 -16.38 0.74
N LYS B 69 5.94 -15.53 -0.21
CA LYS B 69 5.06 -15.89 -1.30
C LYS B 69 5.56 -17.15 -2.00
N ASN B 70 4.71 -17.67 -2.87
CA ASN B 70 5.08 -18.74 -3.76
C ASN B 70 5.36 -18.11 -5.12
N VAL B 71 6.49 -17.42 -5.22
CA VAL B 71 6.99 -16.88 -6.50
C VAL B 71 8.51 -17.00 -6.50
N GLU B 72 9.07 -17.52 -7.59
CA GLU B 72 10.46 -17.96 -7.63
C GLU B 72 11.44 -16.84 -7.29
N LYS B 73 11.15 -15.63 -7.74
CA LYS B 73 11.96 -14.46 -7.42
C LYS B 73 12.22 -14.29 -5.91
N TYR B 74 11.15 -14.33 -5.12
CA TYR B 74 11.24 -14.08 -3.67
C TYR B 74 11.68 -15.32 -2.89
N LYS B 75 11.43 -16.49 -3.45
CA LYS B 75 11.92 -17.73 -2.87
C LYS B 75 13.44 -17.71 -2.82
N GLU B 76 14.07 -17.28 -3.90
CA GLU B 76 15.52 -17.29 -3.98
C GLU B 76 16.11 -16.24 -3.05
N ALA B 77 15.46 -15.07 -2.97
CA ALA B 77 15.87 -14.02 -2.03
C ALA B 77 15.91 -14.57 -0.61
N ALA B 78 14.85 -15.29 -0.25
CA ALA B 78 14.74 -15.88 1.06
C ALA B 78 15.84 -16.91 1.30
N ARG B 79 16.07 -17.78 0.33
CA ARG B 79 17.11 -18.80 0.47
C ARG B 79 18.41 -18.13 0.90
N LEU B 80 18.77 -17.08 0.16
CA LEU B 80 19.94 -16.28 0.48
C LEU B 80 19.85 -15.66 1.85
N GLU B 81 18.66 -15.18 2.23
CA GLU B 81 18.47 -14.57 3.56
C GLU B 81 18.75 -15.58 4.67
N ILE B 82 18.24 -16.78 4.50
CA ILE B 82 18.43 -17.82 5.47
C ILE B 82 19.91 -18.10 5.67
N ASN B 83 20.59 -18.46 4.59
CA ASN B 83 21.96 -18.91 4.70
C ASN B 83 22.90 -17.81 5.24
N VAL B 84 22.56 -16.55 4.98
CA VAL B 84 23.29 -15.44 5.60
C VAL B 84 23.10 -15.50 7.11
N LEU B 85 21.85 -15.62 7.53
CA LEU B 85 21.54 -15.68 8.96
C LEU B 85 22.14 -16.91 9.64
N GLU B 86 22.19 -18.03 8.94
CA GLU B 86 22.95 -19.18 9.42
C GLU B 86 24.39 -18.74 9.65
N LYS B 87 25.07 -18.29 8.60
CA LYS B 87 26.44 -17.81 8.71
C LYS B 87 26.59 -16.82 9.87
N ILE B 88 25.60 -15.96 10.07
CA ILE B 88 25.66 -14.96 11.16
C ILE B 88 25.61 -15.57 12.56
N ASN B 89 24.71 -16.53 12.77
CA ASN B 89 24.59 -17.19 14.07
C ASN B 89 25.81 -18.07 14.40
N GLU B 90 26.48 -18.53 13.34
CA GLU B 90 27.72 -19.28 13.47
C GLU B 90 28.81 -18.40 14.06
N LYS B 91 29.08 -17.27 13.41
CA LYS B 91 30.15 -16.35 13.85
C LYS B 91 29.85 -15.64 15.16
N ASP B 92 28.61 -15.72 15.63
CA ASP B 92 28.24 -15.12 16.90
C ASP B 92 27.07 -15.92 17.49
N PRO B 93 27.39 -17.01 18.21
CA PRO B 93 26.37 -17.84 18.84
C PRO B 93 25.81 -17.23 20.13
N ASP B 94 26.42 -16.11 20.57
CA ASP B 94 25.99 -15.38 21.76
C ASP B 94 25.02 -14.21 21.47
N ASN B 95 24.84 -13.87 20.19
CA ASN B 95 23.80 -12.93 19.74
C ASN B 95 23.85 -11.53 20.37
N LYS B 96 25.08 -11.02 20.46
CA LYS B 96 25.34 -9.65 20.89
C LYS B 96 25.66 -8.73 19.70
N ASN B 97 25.52 -9.25 18.47
CA ASN B 97 25.92 -8.53 17.26
C ASN B 97 25.05 -7.32 16.92
N LEU B 98 23.79 -7.36 17.36
CA LEU B 98 22.76 -6.32 17.10
C LEU B 98 22.03 -6.45 15.76
N CYS B 99 22.33 -7.51 15.00
CA CYS B 99 21.44 -7.93 13.93
C CYS B 99 20.34 -8.79 14.57
N VAL B 100 19.23 -8.93 13.87
CA VAL B 100 18.12 -9.74 14.33
C VAL B 100 18.55 -11.21 14.41
N GLN B 101 17.90 -11.95 15.30
CA GLN B 101 18.24 -13.34 15.52
C GLN B 101 17.25 -14.26 14.81
N MET B 102 17.78 -15.12 13.93
CA MET B 102 16.97 -16.20 13.43
C MET B 102 16.93 -17.35 14.45
N PHE B 103 15.81 -18.05 14.47
CA PHE B 103 15.62 -19.24 15.32
C PHE B 103 15.45 -20.49 14.49
N ASP B 104 14.63 -20.42 13.45
CA ASP B 104 14.16 -21.62 12.77
C ASP B 104 13.77 -21.25 11.34
N TRP B 105 13.53 -22.26 10.51
CA TRP B 105 12.93 -22.03 9.21
C TRP B 105 12.40 -23.32 8.63
N PHE B 106 11.38 -23.23 7.78
CA PHE B 106 10.73 -24.42 7.25
C PHE B 106 9.75 -24.14 6.12
N ASP B 107 9.37 -25.19 5.41
CA ASP B 107 8.28 -25.17 4.43
C ASP B 107 6.95 -25.40 5.13
N TYR B 108 5.91 -24.74 4.63
CA TYR B 108 4.54 -24.98 5.09
C TYR B 108 3.62 -24.69 3.91
N HIS B 109 2.82 -25.68 3.49
CA HIS B 109 1.90 -25.54 2.36
C HIS B 109 2.55 -25.07 1.04
N GLY B 110 3.89 -25.17 0.94
CA GLY B 110 4.64 -24.65 -0.23
C GLY B 110 5.43 -23.36 0.02
N HIS B 111 5.14 -22.67 1.11
CA HIS B 111 5.69 -21.33 1.35
C HIS B 111 6.78 -21.41 2.39
N MET B 112 7.86 -20.68 2.19
CA MET B 112 8.97 -20.73 3.14
C MET B 112 8.64 -19.83 4.32
N CYS B 113 9.04 -20.24 5.51
CA CYS B 113 8.81 -19.46 6.71
C CYS B 113 10.08 -19.34 7.51
N ILE B 114 10.27 -18.21 8.19
CA ILE B 114 11.49 -17.96 8.93
C ILE B 114 11.14 -17.27 10.25
N SER B 115 11.80 -17.68 11.32
CA SER B 115 11.37 -17.37 12.66
C SER B 115 12.41 -16.48 13.33
N PHE B 116 11.99 -15.26 13.67
CA PHE B 116 12.87 -14.27 14.27
C PHE B 116 12.31 -13.86 15.60
N GLU B 117 13.18 -13.35 16.49
CA GLU B 117 12.75 -12.76 17.76
C GLU B 117 11.74 -11.62 17.51
N LEU B 118 10.76 -11.49 18.40
CA LEU B 118 9.75 -10.47 18.23
C LEU B 118 10.36 -9.17 18.67
N LEU B 119 10.23 -8.16 17.80
CA LEU B 119 10.73 -6.81 18.05
C LEU B 119 9.59 -5.80 17.97
N GLY B 120 9.88 -4.52 18.17
CA GLY B 120 8.87 -3.47 18.08
C GLY B 120 8.66 -2.92 16.67
N LEU B 121 8.13 -1.71 16.60
CA LEU B 121 7.98 -1.00 15.35
C LEU B 121 9.33 -0.55 14.77
N SER B 122 9.38 -0.39 13.45
CA SER B 122 10.55 0.23 12.79
C SER B 122 10.75 1.66 13.25
N THR B 123 12.00 2.10 13.26
CA THR B 123 12.31 3.50 13.50
C THR B 123 11.53 4.41 12.56
N PHE B 124 11.23 3.92 11.36
CA PHE B 124 10.37 4.66 10.45
C PHE B 124 8.97 4.79 11.02
N ASP B 125 8.30 3.66 11.23
CA ASP B 125 6.92 3.64 11.70
C ASP B 125 6.71 4.53 12.92
N PHE B 126 7.62 4.44 13.88
CA PHE B 126 7.48 5.23 15.09
C PHE B 126 7.47 6.69 14.73
N LEU B 127 8.44 7.06 13.91
CA LEU B 127 8.61 8.40 13.43
C LEU B 127 7.37 8.85 12.67
N LYS B 128 6.94 8.07 11.70
CA LYS B 128 5.73 8.42 10.96
C LYS B 128 4.55 8.59 11.91
N ASP B 129 4.35 7.63 12.82
CA ASP B 129 3.25 7.69 13.79
C ASP B 129 3.38 8.83 14.80
N ASN B 130 4.50 9.53 14.76
CA ASN B 130 4.74 10.67 15.61
C ASN B 130 4.74 11.99 14.79
N ASN B 131 4.10 11.96 13.62
CA ASN B 131 4.10 13.08 12.65
C ASN B 131 5.49 13.60 12.28
N TYR B 132 6.38 12.67 12.01
CA TYR B 132 7.75 12.99 11.60
C TYR B 132 8.52 13.90 12.56
N LEU B 133 8.07 13.99 13.81
CA LEU B 133 8.78 14.76 14.81
C LEU B 133 10.13 14.09 15.03
N PRO B 134 11.23 14.78 14.69
CA PRO B 134 12.56 14.15 14.69
C PRO B 134 12.97 13.57 16.03
N TYR B 135 13.97 12.71 16.00
CA TYR B 135 14.52 12.13 17.22
C TYR B 135 15.46 13.14 17.87
N PRO B 136 15.42 13.26 19.23
CA PRO B 136 16.36 14.13 19.90
C PRO B 136 17.76 13.56 19.83
N ILE B 137 18.73 14.44 19.71
CA ILE B 137 20.09 14.06 19.39
C ILE B 137 20.65 12.90 20.24
N HIS B 138 20.34 12.85 21.53
CA HIS B 138 20.91 11.78 22.37
C HIS B 138 20.45 10.40 21.85
N GLN B 139 19.20 10.33 21.41
CA GLN B 139 18.63 9.11 20.80
C GLN B 139 19.19 8.85 19.41
N VAL B 140 19.48 9.93 18.69
CA VAL B 140 20.09 9.84 17.38
C VAL B 140 21.48 9.23 17.54
N ARG B 141 22.19 9.64 18.58
CA ARG B 141 23.52 9.09 18.84
C ARG B 141 23.44 7.59 19.15
N HIS B 142 22.53 7.22 20.05
CA HIS B 142 22.42 5.83 20.44
C HIS B 142 22.03 4.95 19.26
N MET B 143 20.98 5.37 18.54
CA MET B 143 20.52 4.65 17.36
C MET B 143 21.61 4.55 16.30
N ALA B 144 22.34 5.65 16.09
CA ALA B 144 23.41 5.66 15.10
C ALA B 144 24.54 4.71 15.52
N PHE B 145 24.82 4.68 16.81
CA PHE B 145 25.91 3.85 17.31
C PHE B 145 25.61 2.37 17.03
N GLN B 146 24.45 1.92 17.48
CA GLN B 146 24.05 0.53 17.34
C GLN B 146 24.00 0.14 15.87
N LEU B 147 23.54 1.08 15.06
CA LEU B 147 23.44 0.89 13.62
C LEU B 147 24.82 0.62 13.04
N CYS B 148 25.80 1.42 13.45
CA CYS B 148 27.18 1.24 12.97
C CYS B 148 27.82 -0.05 13.51
N GLN B 149 27.56 -0.35 14.77
CA GLN B 149 28.04 -1.62 15.35
C GLN B 149 27.51 -2.80 14.57
N ALA B 150 26.19 -2.84 14.44
CA ALA B 150 25.51 -3.91 13.73
C ALA B 150 26.08 -4.15 12.35
N VAL B 151 26.40 -3.08 11.63
CA VAL B 151 26.81 -3.22 10.23
C VAL B 151 28.32 -3.49 10.14
N LYS B 152 29.11 -2.86 11.02
CA LYS B 152 30.55 -3.18 11.11
C LYS B 152 30.71 -4.69 11.15
N PHE B 153 29.91 -5.32 12.00
CA PHE B 153 29.90 -6.75 12.12
C PHE B 153 29.78 -7.41 10.75
N LEU B 154 28.83 -6.96 9.94
CA LEU B 154 28.62 -7.56 8.61
C LEU B 154 29.81 -7.34 7.69
N HIS B 155 30.44 -6.17 7.83
CA HIS B 155 31.56 -5.78 6.98
C HIS B 155 32.78 -6.59 7.35
N ASP B 156 33.02 -6.73 8.65
CA ASP B 156 34.08 -7.61 9.18
C ASP B 156 33.99 -9.00 8.60
N ASN B 157 32.79 -9.50 8.34
CA ASN B 157 32.59 -10.85 7.79
C ASN B 157 32.28 -10.86 6.28
N LYS B 158 32.89 -9.91 5.55
CA LYS B 158 32.77 -9.83 4.08
C LYS B 158 31.33 -9.74 3.57
N LEU B 159 30.49 -9.00 4.29
CA LEU B 159 29.11 -8.80 3.89
C LEU B 159 28.78 -7.34 3.71
N THR B 160 27.90 -7.10 2.75
CA THR B 160 27.25 -5.82 2.60
C THR B 160 25.75 -6.06 2.67
N HIS B 161 25.06 -5.25 3.48
CA HIS B 161 23.59 -5.31 3.58
C HIS B 161 22.91 -4.89 2.27
N THR B 162 23.28 -3.69 1.79
CA THR B 162 22.80 -3.06 0.54
C THR B 162 21.49 -2.29 0.65
N ASP B 163 20.70 -2.53 1.69
CA ASP B 163 19.34 -2.01 1.72
C ASP B 163 18.96 -1.53 3.11
N LEU B 164 19.89 -0.83 3.75
CA LEU B 164 19.63 -0.19 5.01
C LEU B 164 18.66 0.97 4.81
N LYS B 165 17.79 1.16 5.80
CA LYS B 165 16.83 2.24 5.83
C LYS B 165 16.07 2.11 7.14
N PRO B 166 15.29 3.14 7.52
CA PRO B 166 14.65 3.11 8.82
C PRO B 166 13.63 2.00 8.96
N GLU B 167 13.08 1.54 7.84
CA GLU B 167 12.14 0.41 7.87
C GLU B 167 12.84 -0.88 8.30
N ASN B 168 14.14 -0.96 8.05
CA ASN B 168 14.91 -2.15 8.40
C ASN B 168 15.72 -1.98 9.69
N ILE B 169 15.30 -1.03 10.52
CA ILE B 169 15.91 -0.89 11.82
C ILE B 169 14.76 -0.83 12.82
N LEU B 170 14.59 -1.92 13.57
CA LEU B 170 13.46 -2.03 14.49
C LEU B 170 13.90 -1.81 15.92
N PHE B 171 13.01 -1.19 16.67
CA PHE B 171 13.20 -1.05 18.09
C PHE B 171 13.05 -2.40 18.76
N VAL B 172 13.85 -2.65 19.79
CA VAL B 172 13.63 -3.81 20.62
C VAL B 172 12.27 -3.56 21.25
N ASN B 173 12.17 -2.48 22.00
CA ASN B 173 10.91 -2.13 22.62
C ASN B 173 10.51 -0.70 22.31
N SER B 174 9.45 -0.57 21.52
CA SER B 174 8.95 0.75 21.11
C SER B 174 7.83 1.30 22.03
N ASP B 175 7.87 0.90 23.30
CA ASP B 175 7.02 1.51 24.32
C ASP B 175 7.49 2.93 24.45
N TYR B 176 6.53 3.84 24.66
CA TYR B 176 6.80 5.28 24.64
C TYR B 176 6.09 6.07 25.75
N GLU B 177 6.75 7.13 26.23
CA GLU B 177 6.17 8.09 27.18
C GLU B 177 5.45 9.20 26.44
N LEU B 178 4.31 9.64 26.97
CA LEU B 178 3.55 10.75 26.39
C LEU B 178 3.93 12.04 27.13
N THR B 179 4.29 13.09 26.38
CA THR B 179 4.53 14.43 26.96
C THR B 179 3.86 15.52 26.09
N TYR B 180 2.81 16.13 26.62
CA TYR B 180 2.16 17.27 25.99
C TYR B 180 3.16 18.45 25.97
N ASN B 181 3.10 19.27 24.92
CA ASN B 181 3.98 20.45 24.82
C ASN B 181 3.22 21.76 25.07
N LEU B 182 3.49 22.37 26.22
CA LEU B 182 2.99 23.70 26.54
C LEU B 182 3.75 24.76 25.73
N GLU B 183 5.09 24.60 25.66
CA GLU B 183 5.96 25.52 24.92
C GLU B 183 5.61 25.65 23.42
N LYS B 184 4.85 24.70 22.86
CA LYS B 184 4.53 24.70 21.41
C LYS B 184 3.12 24.20 21.00
N LYS B 185 2.29 23.81 21.97
CA LYS B 185 0.89 23.35 21.72
C LYS B 185 0.77 22.11 20.80
N ARG B 186 0.94 20.91 21.38
CA ARG B 186 0.72 19.63 20.66
C ARG B 186 1.05 18.39 21.53
N ASP B 187 0.68 17.20 21.04
CA ASP B 187 1.07 15.92 21.65
C ASP B 187 2.42 15.45 21.11
N GLU B 188 3.27 14.88 21.97
CA GLU B 188 4.61 14.45 21.56
C GLU B 188 5.07 13.16 22.23
N ARG B 189 5.24 12.10 21.42
CA ARG B 189 5.71 10.83 21.92
C ARG B 189 7.23 10.87 22.11
N SER B 190 7.75 9.86 22.80
CA SER B 190 9.18 9.72 23.00
C SER B 190 9.52 8.31 23.49
N VAL B 191 10.19 7.53 22.67
CA VAL B 191 10.42 6.12 22.95
C VAL B 191 11.24 5.93 24.23
N LYS B 192 10.89 4.91 25.02
CA LYS B 192 11.56 4.63 26.29
C LYS B 192 12.96 4.09 26.05
N SER B 193 13.03 2.97 25.32
CA SER B 193 14.29 2.31 25.01
C SER B 193 14.63 2.47 23.52
N THR B 194 15.80 3.07 23.26
CA THR B 194 16.31 3.25 21.89
C THR B 194 17.17 2.07 21.39
N ALA B 195 17.06 0.91 22.04
CA ALA B 195 17.76 -0.28 21.57
C ALA B 195 17.12 -0.73 20.27
N VAL B 196 17.94 -1.04 19.28
CA VAL B 196 17.43 -1.44 17.96
C VAL B 196 18.18 -2.66 17.44
N ARG B 197 17.64 -3.24 16.38
CA ARG B 197 18.29 -4.36 15.68
C ARG B 197 18.05 -4.19 14.20
N VAL B 198 18.87 -4.86 13.40
CA VAL B 198 18.83 -4.67 11.96
C VAL B 198 18.22 -5.89 11.30
N VAL B 199 17.26 -5.67 10.40
CA VAL B 199 16.54 -6.78 9.79
C VAL B 199 16.73 -6.77 8.29
N ASP B 200 16.17 -7.78 7.63
CA ASP B 200 16.18 -7.92 6.18
C ASP B 200 17.55 -8.19 5.61
N PHE B 201 17.84 -9.47 5.36
CA PHE B 201 19.12 -9.85 4.78
C PHE B 201 18.94 -10.53 3.45
N GLY B 202 17.74 -10.41 2.88
CA GLY B 202 17.44 -11.00 1.58
C GLY B 202 18.26 -10.43 0.45
N SER B 203 18.69 -9.20 0.60
CA SER B 203 19.47 -8.54 -0.42
C SER B 203 20.97 -8.59 -0.11
N ALA B 204 21.33 -8.99 1.11
CA ALA B 204 22.72 -8.89 1.56
C ALA B 204 23.68 -9.77 0.75
N THR B 205 24.89 -9.29 0.52
CA THR B 205 25.79 -9.91 -0.44
C THR B 205 27.21 -10.07 0.12
N PHE B 206 27.80 -11.23 -0.15
CA PHE B 206 29.20 -11.53 0.19
C PHE B 206 30.12 -11.04 -0.91
N ASP B 207 31.35 -10.66 -0.56
CA ASP B 207 32.28 -10.07 -1.54
C ASP B 207 32.46 -10.91 -2.81
N HIS B 208 32.57 -12.23 -2.64
CA HIS B 208 32.79 -13.14 -3.78
C HIS B 208 31.55 -13.43 -4.62
N GLU B 209 30.37 -13.28 -4.03
CA GLU B 209 29.12 -13.57 -4.76
C GLU B 209 28.84 -12.50 -5.80
N HIS B 210 27.85 -12.78 -6.65
CA HIS B 210 27.44 -11.84 -7.70
C HIS B 210 26.84 -10.59 -7.08
N HIS B 211 27.11 -9.46 -7.74
CA HIS B 211 26.62 -8.15 -7.32
C HIS B 211 25.54 -7.70 -8.32
N SER B 212 24.30 -7.52 -7.85
CA SER B 212 23.28 -6.92 -8.70
C SER B 212 23.73 -5.50 -9.08
N THR B 213 23.36 -5.07 -10.28
CA THR B 213 23.73 -3.77 -10.77
C THR B 213 23.12 -2.63 -9.94
N ILE B 214 21.84 -2.74 -9.61
CA ILE B 214 21.11 -1.71 -8.86
C ILE B 214 20.72 -2.25 -7.48
N VAL B 215 20.96 -1.51 -6.40
CA VAL B 215 20.89 -2.16 -5.08
C VAL B 215 20.17 -1.55 -3.89
N SER B 216 20.29 -0.27 -3.61
CA SER B 216 19.63 0.18 -2.37
C SER B 216 18.24 0.72 -2.66
N THR B 217 17.44 0.95 -1.63
CA THR B 217 16.21 1.69 -1.83
C THR B 217 16.55 3.14 -2.20
N ARG B 218 15.92 3.64 -3.26
CA ARG B 218 16.25 4.91 -3.88
C ARG B 218 16.85 5.96 -2.98
N HIS B 219 16.19 6.32 -1.90
CA HIS B 219 16.63 7.48 -1.13
C HIS B 219 17.95 7.25 -0.43
N TYR B 220 18.33 5.99 -0.31
CA TYR B 220 19.48 5.57 0.46
C TYR B 220 20.61 5.09 -0.44
N ARG B 221 20.38 5.20 -1.75
CA ARG B 221 21.30 4.71 -2.75
C ARG B 221 22.46 5.65 -2.89
N ALA B 222 23.63 5.04 -3.06
CA ALA B 222 24.92 5.70 -3.14
C ALA B 222 25.31 6.03 -4.58
N PRO B 223 26.03 7.13 -4.78
CA PRO B 223 26.40 7.57 -6.12
C PRO B 223 27.12 6.53 -6.93
N GLU B 224 28.05 5.80 -6.33
CA GLU B 224 28.77 4.78 -7.10
C GLU B 224 27.79 3.79 -7.78
N VAL B 225 26.66 3.53 -7.12
CA VAL B 225 25.66 2.60 -7.63
C VAL B 225 24.95 3.22 -8.82
N ILE B 226 24.52 4.47 -8.64
CA ILE B 226 23.76 5.16 -9.66
C ILE B 226 24.59 5.25 -10.90
N LEU B 227 25.86 5.61 -10.70
CA LEU B 227 26.83 5.71 -11.78
C LEU B 227 27.41 4.35 -12.22
N GLU B 228 26.97 3.27 -11.59
CA GLU B 228 27.32 1.90 -11.98
C GLU B 228 28.82 1.72 -12.03
N LEU B 229 29.50 2.18 -10.99
CA LEU B 229 30.94 2.04 -10.88
C LEU B 229 31.33 0.82 -10.07
N GLY B 230 30.34 0.00 -9.71
CA GLY B 230 30.58 -1.15 -8.84
C GLY B 230 30.69 -0.70 -7.39
N TRP B 231 30.13 -1.50 -6.51
CA TRP B 231 29.92 -1.09 -5.14
C TRP B 231 30.38 -2.18 -4.21
N SER B 232 30.42 -1.85 -2.93
CA SER B 232 30.74 -2.82 -1.88
C SER B 232 30.49 -2.14 -0.53
N GLN B 233 31.20 -2.59 0.50
CA GLN B 233 30.93 -2.15 1.88
C GLN B 233 30.60 -0.66 2.01
N PRO B 234 31.34 0.24 1.31
CA PRO B 234 31.07 1.68 1.54
C PRO B 234 29.66 2.19 1.18
N CYS B 235 28.98 1.57 0.23
CA CYS B 235 27.61 2.00 -0.07
C CYS B 235 26.63 1.82 1.10
N ASP B 236 26.88 0.84 1.96
CA ASP B 236 26.14 0.78 3.25
C ASP B 236 26.32 2.08 4.04
N VAL B 237 27.53 2.64 4.00
CA VAL B 237 27.83 3.81 4.80
C VAL B 237 27.07 5.02 4.29
N TRP B 238 26.99 5.16 2.97
CA TRP B 238 26.20 6.22 2.39
C TRP B 238 24.80 6.16 2.99
N SER B 239 24.19 4.98 2.90
CA SER B 239 22.84 4.79 3.37
C SER B 239 22.72 5.17 4.83
N ILE B 240 23.68 4.74 5.63
CA ILE B 240 23.67 5.03 7.05
C ILE B 240 23.68 6.54 7.29
N GLY B 241 24.48 7.26 6.52
CA GLY B 241 24.51 8.70 6.62
C GLY B 241 23.15 9.31 6.33
N CYS B 242 22.51 8.80 5.29
CA CYS B 242 21.18 9.27 4.91
C CYS B 242 20.17 9.00 6.01
N ILE B 243 20.32 7.86 6.67
CA ILE B 243 19.41 7.47 7.74
C ILE B 243 19.61 8.38 8.93
N ILE B 244 20.86 8.56 9.34
CA ILE B 244 21.18 9.41 10.49
C ILE B 244 20.70 10.84 10.26
N PHE B 245 20.88 11.33 9.04
CA PHE B 245 20.35 12.64 8.72
C PHE B 245 18.85 12.61 8.94
N GLU B 246 18.20 11.59 8.39
CA GLU B 246 16.74 11.48 8.44
C GLU B 246 16.24 11.46 9.87
N TYR B 247 16.96 10.77 10.75
CA TYR B 247 16.60 10.74 12.17
C TYR B 247 16.67 12.15 12.77
N TYR B 248 17.73 12.89 12.44
CA TYR B 248 17.92 14.23 13.02
C TYR B 248 16.87 15.26 12.61
N VAL B 249 16.43 15.23 11.35
CA VAL B 249 15.48 16.22 10.84
C VAL B 249 14.08 15.66 10.61
N GLY B 250 13.96 14.33 10.59
CA GLY B 250 12.65 13.70 10.52
C GLY B 250 12.08 13.51 9.12
N PHE B 251 12.87 13.82 8.09
CA PHE B 251 12.45 13.58 6.72
C PHE B 251 13.64 13.15 5.85
N THR B 252 13.33 12.67 4.65
CA THR B 252 14.31 12.05 3.79
C THR B 252 15.25 13.05 3.13
N LEU B 253 16.55 12.76 3.17
CA LEU B 253 17.54 13.65 2.58
C LEU B 253 17.31 13.78 1.08
N PHE B 254 17.12 12.65 0.40
CA PHE B 254 16.97 12.66 -1.05
C PHE B 254 15.60 12.21 -1.46
N GLN B 255 14.66 13.14 -1.51
CA GLN B 255 13.28 12.78 -1.85
C GLN B 255 13.08 12.99 -3.35
N THR B 256 13.40 11.94 -4.12
CA THR B 256 13.29 11.94 -5.59
C THR B 256 13.16 10.51 -6.12
N HIS B 257 12.88 10.37 -7.41
CA HIS B 257 12.74 9.05 -8.03
C HIS B 257 13.34 9.02 -9.42
N ASP B 258 14.40 9.79 -9.62
CA ASP B 258 14.97 9.99 -10.95
C ASP B 258 16.45 10.19 -10.77
N ASN B 259 17.25 9.40 -11.49
CA ASN B 259 18.69 9.45 -11.30
C ASN B 259 19.30 10.85 -11.50
N ARG B 260 18.92 11.52 -12.58
CA ARG B 260 19.45 12.87 -12.85
C ARG B 260 19.13 13.79 -11.67
N GLU B 261 17.87 13.82 -11.28
CA GLU B 261 17.42 14.66 -10.19
C GLU B 261 18.19 14.32 -8.91
N HIS B 262 18.37 13.02 -8.70
CA HIS B 262 19.06 12.56 -7.50
C HIS B 262 20.48 13.13 -7.52
N LEU B 263 21.12 13.04 -8.68
CA LEU B 263 22.49 13.55 -8.79
C LEU B 263 22.52 15.06 -8.56
N ALA B 264 21.51 15.75 -9.06
CA ALA B 264 21.37 17.20 -8.81
C ALA B 264 21.32 17.49 -7.32
N MET B 265 20.37 16.86 -6.65
CA MET B 265 20.23 17.04 -5.22
C MET B 265 21.58 16.81 -4.52
N MET B 266 22.26 15.71 -4.86
CA MET B 266 23.56 15.48 -4.27
C MET B 266 24.45 16.70 -4.44
N GLU B 267 24.49 17.24 -5.66
CA GLU B 267 25.38 18.35 -5.93
C GLU B 267 25.01 19.57 -5.09
N ARG B 268 23.73 19.88 -5.10
CA ARG B 268 23.20 21.01 -4.34
C ARG B 268 23.49 20.88 -2.85
N ILE B 269 23.37 19.67 -2.33
CA ILE B 269 23.46 19.44 -0.90
C ILE B 269 24.91 19.32 -0.44
N LEU B 270 25.73 18.65 -1.24
CA LEU B 270 27.10 18.28 -0.85
C LEU B 270 28.23 18.97 -1.65
N GLY B 271 27.90 19.70 -2.70
CA GLY B 271 28.90 20.25 -3.62
C GLY B 271 29.00 19.38 -4.85
N PRO B 272 29.87 19.77 -5.80
CA PRO B 272 29.90 19.10 -7.10
C PRO B 272 30.45 17.70 -7.04
N ILE B 273 30.03 16.89 -8.01
CA ILE B 273 30.50 15.53 -8.18
C ILE B 273 31.92 15.60 -8.75
N PRO B 274 32.88 14.88 -8.13
CA PRO B 274 34.25 14.94 -8.61
C PRO B 274 34.44 14.35 -10.00
N SER B 275 35.47 14.82 -10.69
CA SER B 275 35.67 14.49 -12.09
C SER B 275 36.08 13.04 -12.32
N ARG B 276 36.87 12.46 -11.41
CA ARG B 276 37.27 11.05 -11.56
C ARG B 276 36.03 10.21 -11.81
N MET B 277 35.00 10.46 -11.00
CA MET B 277 33.76 9.72 -11.12
C MET B 277 33.07 10.02 -12.45
N ILE B 278 33.17 11.26 -12.90
CA ILE B 278 32.47 11.67 -14.10
C ILE B 278 33.12 11.08 -15.36
N ARG B 279 34.45 10.98 -15.39
CA ARG B 279 35.12 10.37 -16.56
C ARG B 279 34.95 8.85 -16.51
N LYS B 280 35.15 8.27 -15.33
CA LYS B 280 35.18 6.81 -15.15
C LYS B 280 33.82 6.09 -15.19
N THR B 281 32.70 6.81 -15.20
CA THR B 281 31.36 6.17 -15.29
C THR B 281 31.05 5.80 -16.73
N ARG B 282 30.29 4.72 -16.92
CA ARG B 282 29.76 4.42 -18.24
C ARG B 282 28.41 5.10 -18.48
N LYS B 283 27.89 5.82 -17.49
CA LYS B 283 26.59 6.50 -17.61
C LYS B 283 26.77 7.96 -18.01
N GLN B 284 27.36 8.16 -19.18
CA GLN B 284 27.77 9.50 -19.62
C GLN B 284 26.60 10.35 -20.10
N LYS B 285 25.41 9.73 -20.24
CA LYS B 285 24.19 10.46 -20.58
C LYS B 285 23.91 11.58 -19.57
N TYR B 286 24.29 11.36 -18.31
CA TYR B 286 24.00 12.29 -17.21
C TYR B 286 24.94 13.49 -17.13
N PHE B 287 26.00 13.49 -17.94
CA PHE B 287 26.99 14.56 -17.89
C PHE B 287 27.29 15.19 -19.25
N TYR B 288 27.87 16.38 -19.19
CA TYR B 288 28.26 17.10 -20.39
C TYR B 288 29.39 18.06 -20.08
N ARG B 289 30.52 17.90 -20.76
CA ARG B 289 31.71 18.71 -20.53
C ARG B 289 32.06 18.81 -19.05
N GLY B 290 32.10 17.65 -18.40
CA GLY B 290 32.62 17.54 -17.05
C GLY B 290 31.70 18.10 -15.99
N ARG B 291 30.43 18.30 -16.30
CA ARG B 291 29.45 18.76 -15.31
C ARG B 291 28.12 18.05 -15.50
N LEU B 292 27.26 18.13 -14.50
CA LEU B 292 26.01 17.42 -14.55
C LEU B 292 25.18 18.12 -15.58
N ASP B 293 24.63 17.36 -16.51
CA ASP B 293 23.84 17.93 -17.58
C ASP B 293 22.44 18.28 -17.06
N TRP B 294 22.37 19.32 -16.24
CA TRP B 294 21.14 19.68 -15.50
C TRP B 294 20.90 21.20 -15.54
N ASP B 295 19.72 21.59 -16.01
CA ASP B 295 19.36 23.00 -16.08
C ASP B 295 18.62 23.35 -14.79
N GLU B 296 19.21 24.25 -14.00
CA GLU B 296 18.60 24.71 -12.74
C GLU B 296 17.31 25.52 -12.88
N ASN B 297 16.98 26.00 -14.07
CA ASN B 297 15.81 26.86 -14.22
C ASN B 297 14.60 26.18 -14.84
N THR B 298 14.64 24.87 -15.01
CA THR B 298 13.42 24.12 -15.35
C THR B 298 12.59 24.01 -14.10
N SER B 299 11.35 23.54 -14.21
CA SER B 299 10.52 23.40 -13.02
C SER B 299 11.13 22.33 -12.10
N ALA B 300 11.71 21.29 -12.68
CA ALA B 300 12.50 20.33 -11.91
C ALA B 300 13.67 21.03 -11.21
N GLY B 301 14.32 21.93 -11.94
CA GLY B 301 15.47 22.64 -11.41
C GLY B 301 15.09 23.49 -10.23
N ARG B 302 13.94 24.15 -10.33
CA ARG B 302 13.43 25.01 -9.25
C ARG B 302 12.98 24.18 -8.07
N TYR B 303 12.31 23.07 -8.34
CA TYR B 303 11.93 22.16 -7.26
C TYR B 303 13.15 21.77 -6.45
N VAL B 304 14.22 21.35 -7.11
CA VAL B 304 15.41 20.89 -6.38
C VAL B 304 15.96 21.98 -5.49
N ARG B 305 16.16 23.15 -6.06
CA ARG B 305 16.78 24.24 -5.33
C ARG B 305 15.88 24.72 -4.20
N GLU B 306 14.58 24.71 -4.45
CA GLU B 306 13.58 25.14 -3.46
C GLU B 306 13.47 24.19 -2.26
N ASN B 307 13.62 22.89 -2.49
CA ASN B 307 13.26 21.88 -1.49
C ASN B 307 14.44 21.09 -0.98
N CYS B 308 15.66 21.55 -1.22
CA CYS B 308 16.81 21.05 -0.46
C CYS B 308 17.94 22.04 -0.54
N LYS B 309 18.92 21.90 0.34
CA LYS B 309 19.91 22.94 0.56
C LYS B 309 21.26 22.40 1.09
N PRO B 310 22.31 23.23 1.11
CA PRO B 310 23.62 22.75 1.54
C PRO B 310 23.55 22.07 2.88
N LEU B 311 24.27 20.97 3.02
CA LEU B 311 24.09 20.09 4.17
C LEU B 311 24.06 20.87 5.47
N ARG B 312 25.03 21.74 5.68
CA ARG B 312 25.21 22.35 7.00
C ARG B 312 24.12 23.38 7.33
N ARG B 313 23.42 23.88 6.33
CA ARG B 313 22.23 24.69 6.57
C ARG B 313 21.07 23.91 7.22
N TYR B 314 21.24 22.62 7.49
CA TYR B 314 20.24 21.88 8.25
C TYR B 314 20.48 21.93 9.75
N LEU B 315 21.68 22.33 10.19
CA LEU B 315 21.95 22.50 11.62
C LEU B 315 20.96 23.42 12.35
N THR B 316 20.40 22.92 13.45
CA THR B 316 19.53 23.70 14.33
C THR B 316 20.36 24.50 15.33
N SER B 317 20.91 23.80 16.30
CA SER B 317 21.68 24.42 17.38
C SER B 317 23.13 24.50 16.95
N GLU B 318 23.92 25.25 17.70
CA GLU B 318 25.34 25.41 17.41
C GLU B 318 26.20 24.86 18.53
N ALA B 319 25.64 23.94 19.32
CA ALA B 319 26.40 23.22 20.33
C ALA B 319 27.39 22.29 19.65
N GLU B 320 28.51 22.04 20.33
CA GLU B 320 29.58 21.21 19.77
C GLU B 320 29.06 19.86 19.29
N GLU B 321 28.27 19.19 20.13
CA GLU B 321 27.77 17.83 19.79
C GLU B 321 27.01 17.78 18.44
N HIS B 322 26.22 18.81 18.13
CA HIS B 322 25.54 18.92 16.83
C HIS B 322 26.55 19.02 15.68
N HIS B 323 27.61 19.80 15.83
CA HIS B 323 28.65 19.90 14.80
C HIS B 323 29.38 18.59 14.57
N GLN B 324 29.53 17.80 15.64
CA GLN B 324 30.18 16.50 15.52
C GLN B 324 29.29 15.57 14.69
N LEU B 325 27.97 15.68 14.87
CA LEU B 325 27.01 14.87 14.11
C LEU B 325 27.21 15.11 12.63
N PHE B 326 27.19 16.37 12.23
CA PHE B 326 27.34 16.73 10.81
C PHE B 326 28.74 16.46 10.26
N ASP B 327 29.75 16.54 11.11
CA ASP B 327 31.08 16.09 10.70
C ASP B 327 30.93 14.63 10.27
N LEU B 328 30.30 13.84 11.13
CA LEU B 328 30.11 12.42 10.90
C LEU B 328 29.34 12.16 9.61
N ILE B 329 28.23 12.87 9.45
CA ILE B 329 27.38 12.71 8.28
C ILE B 329 28.17 13.04 7.01
N GLU B 330 28.80 14.20 6.98
CA GLU B 330 29.65 14.56 5.85
C GLU B 330 30.63 13.46 5.48
N SER B 331 31.42 13.02 6.45
CA SER B 331 32.41 11.97 6.19
C SER B 331 31.77 10.74 5.59
N MET B 332 30.55 10.42 6.04
CA MET B 332 29.81 9.27 5.55
C MET B 332 29.25 9.48 4.14
N LEU B 333 28.97 10.73 3.78
CA LEU B 333 28.45 11.04 2.45
C LEU B 333 29.53 11.53 1.46
N GLU B 334 30.75 11.08 1.66
CA GLU B 334 31.84 11.35 0.73
C GLU B 334 31.56 10.68 -0.61
N TYR B 335 31.58 11.45 -1.69
CA TYR B 335 31.24 10.93 -3.02
C TYR B 335 32.02 9.68 -3.44
N GLU B 336 33.30 9.57 -3.09
CA GLU B 336 34.12 8.46 -3.57
C GLU B 336 34.23 7.33 -2.55
N PRO B 337 33.72 6.13 -2.89
CA PRO B 337 33.67 5.05 -1.92
C PRO B 337 35.02 4.78 -1.25
N ALA B 338 36.08 4.81 -2.06
CA ALA B 338 37.44 4.63 -1.56
C ALA B 338 37.82 5.60 -0.42
N LYS B 339 37.37 6.85 -0.53
CA LYS B 339 37.70 7.88 0.47
C LYS B 339 36.67 7.95 1.59
N ARG B 340 35.51 7.35 1.36
CA ARG B 340 34.41 7.45 2.28
C ARG B 340 34.76 6.73 3.57
N LEU B 341 34.39 7.36 4.67
CA LEU B 341 34.57 6.82 6.02
C LEU B 341 34.15 5.35 6.13
N THR B 342 34.95 4.56 6.84
CA THR B 342 34.56 3.18 7.16
C THR B 342 33.93 3.16 8.54
N LEU B 343 33.25 2.06 8.85
CA LEU B 343 32.50 1.98 10.09
C LEU B 343 33.44 1.86 11.29
N GLY B 344 34.57 1.16 11.09
CA GLY B 344 35.66 1.21 12.06
C GLY B 344 35.99 2.67 12.41
N GLU B 345 36.41 3.41 11.40
CA GLU B 345 36.72 4.82 11.56
C GLU B 345 35.54 5.57 12.20
N ALA B 346 34.33 5.20 11.76
CA ALA B 346 33.10 5.86 12.20
C ALA B 346 32.82 5.70 13.70
N LEU B 347 33.04 4.49 14.22
CA LEU B 347 32.80 4.22 15.64
C LEU B 347 33.74 5.00 16.57
N GLN B 348 34.93 5.33 16.09
CA GLN B 348 35.91 6.10 16.87
C GLN B 348 35.61 7.61 16.91
N HIS B 349 34.62 8.04 16.13
CA HIS B 349 34.37 9.47 15.94
C HIS B 349 33.99 10.17 17.25
N PRO B 350 34.47 11.41 17.44
CA PRO B 350 34.12 12.26 18.57
C PRO B 350 32.67 12.18 19.01
N PHE B 351 31.74 12.31 18.07
CA PHE B 351 30.31 12.25 18.35
C PHE B 351 29.94 11.10 19.29
N PHE B 352 30.58 9.95 19.08
CA PHE B 352 30.30 8.75 19.87
C PHE B 352 31.20 8.58 21.09
N ALA B 353 32.21 9.43 21.26
CA ALA B 353 33.12 9.35 22.41
C ALA B 353 32.33 9.03 23.69
N ARG B 354 31.27 9.80 23.95
CA ARG B 354 30.39 9.60 25.11
C ARG B 354 29.98 8.14 25.39
N LEU B 355 29.96 7.28 24.36
CA LEU B 355 29.65 5.85 24.54
C LEU B 355 30.97 5.05 24.56
N ARG B 356 31.00 3.88 23.92
CA ARG B 356 32.13 2.93 23.98
C ARG B 356 32.27 2.31 25.41
C5 8FY C . -10.96 10.84 -7.13
C7 8FY C . -9.75 9.31 -5.68
C8 8FY C . -8.84 8.14 -5.92
C10 8FY C . -7.26 6.68 -5.15
C15 8FY C . -12.15 10.49 -9.51
C21 8FY C . -11.69 9.18 -10.05
C22 8FY C . -11.46 8.89 -11.41
C24 8FY C . -10.92 6.58 -10.84
C26 8FY C . -10.37 4.34 -10.29
C28 8FY C . -11.02 5.82 -8.50
C1 8FY C . -11.04 12.88 -3.63
N2 8FY C . -11.48 13.52 -4.89
C3 8FY C . -11.63 12.75 -6.05
N4 8FY C . -10.90 11.66 -6.10
N6 8FY C . -10.13 9.75 -7.02
N9 8FY C . -8.07 7.71 -4.94
C11 8FY C . -7.21 6.04 -6.38
C12 8FY C . -8.05 6.52 -7.38
N13 8FY C . -8.83 7.56 -7.12
C14 8FY C . -11.81 11.13 -8.22
C16 8FY C . -13.06 11.31 -10.08
N17 8FY C . -13.31 12.41 -9.28
C19 8FY C . -12.57 12.32 -8.14
N20 8FY C . -12.45 13.10 -7.04
C23 8FY C . -11.07 7.62 -11.78
N25 8FY C . -10.52 5.32 -11.17
C27 8FY C . -10.61 4.58 -8.93
C29 8FY C . -11.17 6.85 -9.47
C30 8FY C . -11.58 8.15 -9.12
C5 8FY D . 9.02 -7.45 12.25
C7 8FY D . 7.76 -5.99 10.79
C8 8FY D . 7.51 -5.90 9.32
C10 8FY D . 6.32 -5.02 7.57
C15 8FY D . 11.24 -8.95 11.91
C21 8FY D . 11.54 -8.92 10.44
C22 8FY D . 12.08 -9.98 9.70
C24 8FY D . 12.07 -8.60 7.69
C26 8FY D . 12.05 -7.27 5.75
C28 8FY D . 11.30 -6.27 7.79
C1 8FY D . 6.74 -5.44 14.86
N2 8FY D . 7.50 -6.63 15.31
C3 8FY D . 8.43 -7.22 14.46
N4 8FY D . 8.22 -6.99 13.17
N6 8FY D . 8.68 -7.12 10.98
N9 8FY D . 6.57 -5.11 8.88
C11 8FY D . 7.07 -5.75 6.66
C12 8FY D . 8.06 -6.57 7.18
N13 8FY D . 8.26 -6.62 8.49
C14 8FY D . 10.14 -8.25 12.62
C16 8FY D . 11.97 -9.54 12.88
N17 8FY D . 11.43 -9.28 14.12
C19 8FY D . 10.32 -8.51 14.00
N20 8FY D . 9.44 -7.99 14.88
C23 8FY D . 12.32 -9.83 8.36
N25 8FY D . 12.30 -8.42 6.37
C27 8FY D . 11.55 -6.17 6.45
C29 8FY D . 11.56 -7.50 8.44
C30 8FY D . 11.33 -7.70 9.81
#